data_7Z74
#
_entry.id   7Z74
#
_cell.length_a   56.309
_cell.length_b   135.151
_cell.length_c   151.916
_cell.angle_alpha   90.000
_cell.angle_beta   90.000
_cell.angle_gamma   90.000
#
_symmetry.space_group_name_H-M   'P 21 21 21'
#
loop_
_entity.id
_entity.type
_entity.pdbx_description
1 polymer 'Phosphatidylinositol 4-phosphate 3-kinase C2 domain-containing subunit alpha'
2 non-polymer ~{N}-[4-(3-hydroxyphenyl)-1,3-thiazol-2-yl]-2-[4-oxidanylidene-3-(2-phenylethyl)pteridin-2-yl]sulfanyl-ethanamide
3 non-polymer 1,2-ETHANEDIOL
4 water water
#
_entity_poly.entity_id   1
_entity_poly.type   'polypeptide(L)'
_entity_poly.pdbx_seq_one_letter_code
;GAVQNDEVAAFCQSIMKLKTKFPYTDHCTNPGYLLSPVTVQRNMCGENASVKVSIEIEGLQLPVTFTCDVSSTVEIIIMQ
ALCWVHDDLNQVDVGSYILKVCGQEEVLQNNHCLGSHEHIQNCRKWDTEIKLQLLTLSAMCQNLARTAEDDEAPVDLNGS
GSVMTRHSAGAGSGASTGCPRGSRNIKEAWTATEQLQFTVYAAHGISSNWVSNYEKYYLICSLSHNGKDLFKPIQSKKVG
TYKNAAYLIKWDELIIFPIQISQLPLESVLHLTLFGVLNQSSGSSPDSNKQRKGPEALGKVSLTLFDFKRFLTCGTKLAY
LWTSSHTNSIPGAIPKKSYVMERIVLQVDFPSPAFDIIYTSPQIDRNIIQQDKLETLESDIKGKLLDIIHRDSSFGLSKE
DKVFLWENRYYCLKHPNCLPKILASAPNWKWANLAKTYSLLHQWPPLCPLAALELLDAKFADQEVRSLAVSWMEAISDDE
LADLLPQFVQALKYEIYLNSSLVRFLLSRALGNIQIAHSLYWLLKDALHDTHFGSRYEHVLGALLSVGGKGLREELSKQM
KLVQLLGGVAEKVRQASGSTRQVVLQKSMERVQSFFLRNKCRLPLKPSLVAKELNIKSCSFFSSNAMPLKVTMVNADPLG
EEINVMFKVGEDLRQDMLALQMIKIMDKIWLKEGLDLRMVIFRCLSTGRDRGMVELVPASDTLRKIQVEYGVTGSFKDKP
LAEWLRKYNPSEEEYEKASENFIYSCAGCCVATYVLGICDRHNDNIMLRSTGHMFHIDFGKFLGHAQMFGSFKRDRAPFV
LTSDMAYVINGGEKPTIRFQLFVDLCCQAYNLIRKQTNLFLNLLSLMIPSGLPELTSIQDLKYVRDALQPQTTDAEATIF
FTRLIESSLGSIATKFNFFIHNLAQLRFSG
;
_entity_poly.pdbx_strand_id   A
#
loop_
_chem_comp.id
_chem_comp.type
_chem_comp.name
_chem_comp.formula
EDO non-polymer 1,2-ETHANEDIOL 'C2 H6 O2'
IKC non-polymer ~{N}-[4-(3-hydroxyphenyl)-1,3-thiazol-2-yl]-2-[4-oxidanylidene-3-(2-phenylethyl)pteridin-2-yl]sulfanyl-ethanamide 'C25 H20 N6 O3 S2'
#
# COMPACT_ATOMS: atom_id res chain seq x y z
N VAL A 3 22.48 24.49 0.40
CA VAL A 3 21.48 24.24 -0.64
C VAL A 3 20.36 23.32 -0.12
N GLN A 4 20.72 22.33 0.71
CA GLN A 4 19.71 21.45 1.31
C GLN A 4 18.79 22.23 2.24
N ASN A 5 19.36 23.13 3.04
CA ASN A 5 18.54 24.00 3.87
C ASN A 5 17.63 24.87 3.02
N ASP A 6 18.15 25.34 1.88
CA ASP A 6 17.33 26.13 0.96
C ASP A 6 16.22 25.28 0.35
N GLU A 7 16.51 24.00 0.05
CA GLU A 7 15.47 23.11 -0.45
C GLU A 7 14.37 22.91 0.60
N VAL A 8 14.77 22.70 1.85
CA VAL A 8 13.80 22.58 2.94
C VAL A 8 12.95 23.84 3.05
N ALA A 9 13.58 25.01 3.01
CA ALA A 9 12.83 26.26 3.11
C ALA A 9 11.82 26.41 1.98
N ALA A 10 12.26 26.11 0.75
CA ALA A 10 11.35 26.18 -0.39
C ALA A 10 10.19 25.21 -0.22
N PHE A 11 10.48 24.00 0.28
CA PHE A 11 9.42 23.05 0.56
C PHE A 11 8.42 23.62 1.56
N CYS A 12 8.92 24.19 2.66
CA CYS A 12 8.04 24.73 3.71
C CYS A 12 7.13 25.82 3.17
N GLN A 13 7.69 26.72 2.37
CA GLN A 13 6.90 27.84 1.86
C GLN A 13 5.87 27.36 0.82
N SER A 14 6.24 26.35 0.04
CA SER A 14 5.27 25.77 -0.88
C SER A 14 4.13 25.08 -0.12
N ILE A 15 4.44 24.51 1.05
CA ILE A 15 3.41 23.86 1.84
C ILE A 15 2.53 24.89 2.49
N MET A 16 3.09 26.06 2.81
CA MET A 16 2.26 27.19 3.28
C MET A 16 1.22 27.53 2.23
N LYS A 17 1.66 27.68 0.96
CA LYS A 17 0.70 27.85 -0.14
C LYS A 17 -0.40 26.77 -0.11
N LEU A 18 0.02 25.50 -0.05
CA LEU A 18 -0.95 24.40 -0.01
C LEU A 18 -1.94 24.55 1.14
N LYS A 19 -1.45 24.97 2.31
CA LYS A 19 -2.32 25.20 3.46
C LYS A 19 -3.38 26.23 3.16
N THR A 20 -2.98 27.34 2.52
CA THR A 20 -3.99 28.34 2.16
C THR A 20 -5.06 27.75 1.28
N LYS A 21 -4.70 26.80 0.41
CA LYS A 21 -5.73 26.17 -0.40
C LYS A 21 -6.76 25.39 0.42
N PHE A 22 -6.49 25.09 1.69
CA PHE A 22 -7.39 24.32 2.55
C PHE A 22 -7.72 25.11 3.82
N PRO A 23 -8.68 26.04 3.76
CA PRO A 23 -9.05 26.78 4.96
C PRO A 23 -9.80 25.92 5.96
N TYR A 24 -9.68 26.28 7.24
CA TYR A 24 -10.40 25.55 8.27
C TYR A 24 -11.90 25.78 8.19
N THR A 25 -12.34 26.83 7.51
CA THR A 25 -13.76 27.12 7.42
C THR A 25 -14.48 26.11 6.53
N ASP A 26 -13.81 25.62 5.49
CA ASP A 26 -14.46 24.71 4.55
C ASP A 26 -14.68 23.36 5.22
N HIS A 27 -15.96 22.95 5.34
CA HIS A 27 -16.28 21.72 6.06
C HIS A 27 -15.90 20.48 5.27
N CYS A 28 -16.05 20.51 3.94
CA CYS A 28 -15.72 19.31 3.19
C CYS A 28 -14.22 19.05 3.16
N THR A 29 -13.38 20.09 3.13
CA THR A 29 -11.95 19.83 3.27
C THR A 29 -11.56 19.56 4.73
N ASN A 30 -12.26 20.16 5.70
CA ASN A 30 -11.94 20.05 7.12
C ASN A 30 -13.17 19.59 7.89
N PRO A 31 -13.57 18.32 7.75
CA PRO A 31 -14.79 17.87 8.41
C PRO A 31 -14.61 17.62 9.90
N GLY A 32 -13.38 17.31 10.31
CA GLY A 32 -13.12 16.95 11.69
C GLY A 32 -13.44 15.51 12.05
N TYR A 33 -13.97 14.72 11.12
CA TYR A 33 -14.32 13.34 11.41
C TYR A 33 -13.98 12.46 10.22
N LEU A 34 -13.79 11.17 10.52
CA LEU A 34 -13.56 10.17 9.48
C LEU A 34 -14.81 10.00 8.61
N LEU A 35 -14.57 9.73 7.33
CA LEU A 35 -15.62 9.43 6.38
C LEU A 35 -15.72 7.91 6.24
N SER A 36 -16.93 7.40 6.25
CA SER A 36 -17.11 5.96 6.19
C SER A 36 -16.74 5.49 4.78
N PRO A 37 -15.87 4.48 4.65
CA PRO A 37 -15.33 4.13 3.33
C PRO A 37 -16.39 3.59 2.39
N VAL A 38 -16.22 3.89 1.11
CA VAL A 38 -17.12 3.44 0.05
C VAL A 38 -16.31 2.67 -0.98
N THR A 39 -16.85 1.56 -1.45
CA THR A 39 -16.30 0.84 -2.60
C THR A 39 -17.43 0.62 -3.58
N VAL A 40 -17.30 1.15 -4.80
CA VAL A 40 -18.36 1.07 -5.79
C VAL A 40 -18.63 -0.38 -6.17
N GLN A 41 -19.89 -0.73 -6.34
CA GLN A 41 -20.29 -2.09 -6.72
C GLN A 41 -21.28 -2.09 -7.89
N ALA A 49 -32.00 -4.95 -4.44
CA ALA A 49 -31.94 -5.61 -3.13
C ALA A 49 -32.29 -4.66 -1.99
N SER A 50 -32.70 -5.23 -0.85
CA SER A 50 -33.12 -4.44 0.29
C SER A 50 -32.54 -5.02 1.57
N VAL A 51 -32.29 -4.14 2.53
CA VAL A 51 -31.79 -4.54 3.84
C VAL A 51 -32.46 -3.69 4.92
N LYS A 52 -32.51 -4.25 6.12
CA LYS A 52 -33.11 -3.53 7.24
C LYS A 52 -32.03 -2.74 7.95
N VAL A 53 -32.32 -1.47 8.24
CA VAL A 53 -31.41 -0.62 8.99
C VAL A 53 -32.12 -0.16 10.26
N SER A 54 -31.37 -0.03 11.35
CA SER A 54 -31.91 0.58 12.56
C SER A 54 -31.18 1.89 12.79
N ILE A 55 -31.96 2.95 13.00
CA ILE A 55 -31.45 4.30 13.13
C ILE A 55 -31.90 4.85 14.46
N GLU A 56 -30.95 5.29 15.28
CA GLU A 56 -31.26 5.94 16.55
C GLU A 56 -31.58 7.40 16.31
N ILE A 57 -32.72 7.86 16.80
CA ILE A 57 -33.16 9.23 16.60
C ILE A 57 -33.35 9.87 17.97
N GLU A 58 -32.98 11.15 18.08
CA GLU A 58 -33.08 11.86 19.34
C GLU A 58 -34.53 11.92 19.79
N GLY A 59 -34.74 11.74 21.09
CA GLY A 59 -36.07 11.82 21.68
C GLY A 59 -36.90 10.57 21.54
N LEU A 60 -36.37 9.50 20.96
CA LEU A 60 -37.08 8.25 20.76
C LEU A 60 -36.36 7.16 21.53
N GLN A 61 -37.10 6.44 22.35
CA GLN A 61 -36.48 5.44 23.22
C GLN A 61 -36.04 4.21 22.45
N LEU A 62 -36.71 3.94 21.34
CA LEU A 62 -36.39 2.83 20.46
C LEU A 62 -35.92 3.37 19.13
N PRO A 63 -34.84 2.82 18.57
CA PRO A 63 -34.45 3.21 17.20
C PRO A 63 -35.49 2.75 16.19
N VAL A 64 -35.65 3.54 15.13
CA VAL A 64 -36.57 3.14 14.06
C VAL A 64 -35.86 2.14 13.17
N THR A 65 -36.49 0.98 12.99
CA THR A 65 -35.99 -0.07 12.13
C THR A 65 -36.85 -0.10 10.88
N PHE A 66 -36.23 0.05 9.71
CA PHE A 66 -37.02 0.01 8.48
C PHE A 66 -36.19 -0.58 7.33
N THR A 67 -36.93 -1.07 6.33
CA THR A 67 -36.34 -1.64 5.12
C THR A 67 -35.95 -0.54 4.15
N CYS A 68 -34.68 -0.55 3.74
CA CYS A 68 -34.13 0.39 2.78
C CYS A 68 -33.61 -0.34 1.56
N ASP A 69 -33.76 0.28 0.40
CA ASP A 69 -33.10 -0.18 -0.82
C ASP A 69 -31.61 0.10 -0.76
N VAL A 70 -30.79 -0.93 -1.03
CA VAL A 70 -29.34 -0.73 -1.01
C VAL A 70 -28.91 0.28 -2.06
N SER A 71 -29.66 0.38 -3.16
CA SER A 71 -29.32 1.31 -4.23
C SER A 71 -29.56 2.76 -3.81
N SER A 72 -30.44 2.99 -2.85
CA SER A 72 -30.80 4.36 -2.51
C SER A 72 -29.61 5.06 -1.84
N THR A 73 -29.51 6.36 -2.06
CA THR A 73 -28.41 7.13 -1.49
C THR A 73 -28.65 7.42 -0.02
N VAL A 74 -27.56 7.72 0.68
CA VAL A 74 -27.65 7.99 2.12
C VAL A 74 -28.46 9.25 2.38
N GLU A 75 -28.42 10.22 1.46
CA GLU A 75 -29.24 11.42 1.59
C GLU A 75 -30.73 11.09 1.75
N ILE A 76 -31.27 10.30 0.82
CA ILE A 76 -32.69 10.01 0.90
C ILE A 76 -33.00 9.06 2.06
N ILE A 77 -32.02 8.28 2.52
CA ILE A 77 -32.26 7.45 3.69
C ILE A 77 -32.39 8.31 4.94
N ILE A 78 -31.50 9.29 5.08
CA ILE A 78 -31.66 10.29 6.12
C ILE A 78 -33.07 10.88 6.05
N MET A 79 -33.53 11.21 4.85
CA MET A 79 -34.84 11.83 4.81
C MET A 79 -35.95 10.85 5.18
N GLN A 80 -35.77 9.58 4.86
CA GLN A 80 -36.77 8.59 5.20
C GLN A 80 -36.92 8.46 6.71
N ALA A 81 -35.80 8.44 7.44
CA ALA A 81 -35.87 8.42 8.90
C ALA A 81 -36.56 9.68 9.43
N LEU A 82 -36.12 10.82 8.91
CA LEU A 82 -36.82 12.08 9.19
C LEU A 82 -38.32 11.97 8.96
N CYS A 83 -38.72 11.29 7.88
CA CYS A 83 -40.14 11.13 7.57
C CYS A 83 -40.85 10.29 8.60
N TRP A 84 -40.18 9.25 9.09
CA TRP A 84 -40.73 8.48 10.20
C TRP A 84 -41.09 9.40 11.35
N VAL A 85 -40.12 10.19 11.82
CA VAL A 85 -40.45 10.97 13.01
C VAL A 85 -41.29 12.21 12.67
N HIS A 86 -41.02 12.85 11.54
CA HIS A 86 -41.75 14.06 11.13
C HIS A 86 -42.65 13.76 9.93
N ASP A 87 -43.93 14.07 10.08
CA ASP A 87 -44.88 13.83 9.00
C ASP A 87 -44.64 14.77 7.82
N ASP A 88 -44.20 16.00 8.09
CA ASP A 88 -43.84 16.96 7.05
C ASP A 88 -42.40 17.40 7.25
N LEU A 89 -41.56 17.18 6.23
CA LEU A 89 -40.14 17.49 6.29
C LEU A 89 -39.83 18.93 5.92
N ASN A 90 -40.85 19.72 5.52
CA ASN A 90 -40.59 21.11 5.13
C ASN A 90 -40.13 21.94 6.32
N GLN A 91 -40.69 21.70 7.51
CA GLN A 91 -40.35 22.51 8.66
C GLN A 91 -38.94 22.21 9.17
N VAL A 92 -38.57 20.93 9.23
CA VAL A 92 -37.23 20.54 9.64
C VAL A 92 -36.24 20.76 8.49
N ASP A 93 -34.96 20.89 8.83
CA ASP A 93 -33.91 21.00 7.81
C ASP A 93 -33.31 19.63 7.54
N VAL A 94 -33.40 19.18 6.29
CA VAL A 94 -32.76 17.94 5.92
C VAL A 94 -31.24 18.10 5.96
N GLY A 95 -30.75 19.28 5.58
CA GLY A 95 -29.37 19.61 5.82
C GLY A 95 -29.07 19.70 7.31
N SER A 96 -27.78 19.62 7.63
CA SER A 96 -27.33 19.59 9.02
C SER A 96 -27.85 18.33 9.75
N TYR A 97 -28.10 17.26 8.99
CA TYR A 97 -28.43 15.94 9.51
C TYR A 97 -27.57 14.91 8.78
N ILE A 98 -26.93 14.03 9.55
CA ILE A 98 -25.98 13.02 9.07
C ILE A 98 -26.27 11.69 9.76
N LEU A 99 -25.74 10.63 9.14
CA LEU A 99 -25.83 9.27 9.66
C LEU A 99 -24.42 8.80 10.01
N LYS A 100 -24.24 8.30 11.22
CA LYS A 100 -22.99 7.66 11.61
C LYS A 100 -23.26 6.20 11.95
N VAL A 101 -22.20 5.40 11.88
CA VAL A 101 -22.27 4.03 12.39
C VAL A 101 -22.28 4.08 13.92
N CYS A 102 -23.16 3.31 14.53
CA CYS A 102 -23.15 3.24 15.99
C CYS A 102 -21.82 2.68 16.48
N GLY A 103 -21.27 3.28 17.53
CA GLY A 103 -19.98 2.89 18.06
C GLY A 103 -18.77 3.32 17.27
N GLN A 104 -18.94 3.87 16.07
CA GLN A 104 -17.83 4.24 15.21
C GLN A 104 -17.96 5.70 14.85
N GLU A 105 -16.89 6.46 15.07
CA GLU A 105 -16.88 7.89 14.79
C GLU A 105 -16.54 8.11 13.30
N GLU A 106 -17.42 7.60 12.45
CA GLU A 106 -17.32 7.80 11.01
C GLU A 106 -18.70 8.11 10.45
N VAL A 107 -18.75 8.98 9.44
CA VAL A 107 -19.99 9.51 8.91
C VAL A 107 -20.19 8.93 7.51
N LEU A 108 -21.39 8.41 7.27
CA LEU A 108 -21.73 7.91 5.94
C LEU A 108 -21.78 9.08 4.96
N GLN A 109 -21.40 8.81 3.72
CA GLN A 109 -21.32 9.86 2.71
C GLN A 109 -22.65 9.99 1.99
N ASN A 110 -23.19 11.22 1.93
CA ASN A 110 -24.57 11.38 1.49
C ASN A 110 -24.78 11.04 0.02
N ASN A 111 -23.87 11.46 -0.85
CA ASN A 111 -24.09 11.20 -2.28
C ASN A 111 -24.01 9.72 -2.59
N HIS A 112 -23.29 8.94 -1.80
CA HIS A 112 -23.03 7.55 -2.17
C HIS A 112 -24.22 6.65 -1.77
N CYS A 113 -24.28 5.50 -2.42
CA CYS A 113 -25.36 4.55 -2.16
C CYS A 113 -25.13 3.87 -0.82
N LEU A 114 -26.25 3.43 -0.20
CA LEU A 114 -26.10 2.64 1.01
C LEU A 114 -25.29 1.38 0.75
N GLY A 115 -25.55 0.71 -0.39
CA GLY A 115 -24.84 -0.52 -0.70
C GLY A 115 -23.35 -0.34 -0.94
N SER A 116 -22.94 0.86 -1.38
CA SER A 116 -21.52 1.09 -1.69
C SER A 116 -20.65 1.19 -0.42
N HIS A 117 -21.23 1.55 0.72
CA HIS A 117 -20.46 1.68 1.95
C HIS A 117 -19.94 0.33 2.43
N GLU A 118 -18.65 0.31 2.80
CA GLU A 118 -17.97 -0.94 3.17
C GLU A 118 -18.57 -1.57 4.42
N HIS A 119 -18.98 -0.75 5.40
CA HIS A 119 -19.61 -1.25 6.61
C HIS A 119 -20.93 -1.97 6.30
N ILE A 120 -21.70 -1.43 5.37
CA ILE A 120 -22.94 -2.07 4.93
C ILE A 120 -22.64 -3.43 4.29
N GLN A 121 -21.62 -3.47 3.41
CA GLN A 121 -21.29 -4.72 2.72
C GLN A 121 -20.84 -5.80 3.71
N ASN A 122 -20.05 -5.40 4.71
CA ASN A 122 -19.63 -6.36 5.72
C ASN A 122 -20.82 -6.91 6.49
N CYS A 123 -21.67 -6.00 7.04
CA CYS A 123 -22.85 -6.44 7.78
C CYS A 123 -23.70 -7.39 6.95
N ARG A 124 -23.80 -7.13 5.65
CA ARG A 124 -24.64 -8.00 4.79
C ARG A 124 -23.99 -9.38 4.73
N LYS A 125 -22.68 -9.45 4.53
CA LYS A 125 -21.97 -10.74 4.41
C LYS A 125 -22.06 -11.53 5.72
N TRP A 126 -21.90 -10.87 6.86
CA TRP A 126 -21.89 -11.59 8.16
C TRP A 126 -23.31 -11.69 8.73
N ASP A 127 -24.30 -11.07 8.08
CA ASP A 127 -25.70 -11.04 8.58
C ASP A 127 -25.73 -10.29 9.92
N THR A 128 -24.79 -9.36 10.13
CA THR A 128 -24.77 -8.53 11.35
C THR A 128 -25.85 -7.46 11.24
N GLU A 129 -26.47 -7.09 12.36
CA GLU A 129 -27.53 -6.05 12.36
C GLU A 129 -26.91 -4.72 11.91
N ILE A 130 -27.57 -4.03 10.99
CA ILE A 130 -27.07 -2.73 10.56
C ILE A 130 -27.60 -1.67 11.52
N LYS A 131 -26.68 -1.00 12.24
CA LYS A 131 -27.05 -0.09 13.31
C LYS A 131 -26.42 1.29 13.12
N LEU A 132 -27.26 2.28 12.83
CA LEU A 132 -26.81 3.64 12.53
C LEU A 132 -27.45 4.62 13.51
N GLN A 133 -26.93 5.83 13.52
CA GLN A 133 -27.43 6.90 14.39
C GLN A 133 -27.62 8.15 13.54
N LEU A 134 -28.82 8.72 13.63
CA LEU A 134 -29.14 9.99 12.98
C LEU A 134 -28.83 11.12 13.95
N LEU A 135 -28.05 12.10 13.50
CA LEU A 135 -27.64 13.18 14.38
C LEU A 135 -27.33 14.40 13.54
N THR A 136 -27.25 15.56 14.18
CA THR A 136 -26.87 16.77 13.47
C THR A 136 -25.34 16.91 13.44
N LEU A 137 -24.86 17.76 12.53
CA LEU A 137 -23.42 18.03 12.47
C LEU A 137 -22.90 18.56 13.80
N SER A 138 -23.72 19.32 14.53
CA SER A 138 -23.29 19.89 15.80
C SER A 138 -22.97 18.81 16.82
N ALA A 139 -23.77 17.73 16.86
CA ALA A 139 -23.53 16.66 17.83
C ALA A 139 -22.31 15.83 17.51
N MET A 140 -21.94 15.75 16.23
CA MET A 140 -20.83 14.91 15.83
C MET A 140 -19.50 15.42 16.39
N CYS A 141 -18.68 14.48 16.88
CA CYS A 141 -17.36 14.81 17.40
C CYS A 141 -16.46 15.27 16.27
N GLN A 142 -15.93 16.48 16.38
CA GLN A 142 -15.06 17.06 15.35
C GLN A 142 -13.74 17.49 15.96
N ASN A 143 -13.29 16.75 16.98
CA ASN A 143 -12.08 17.11 17.72
C ASN A 143 -10.84 17.06 16.84
N LEU A 144 -10.87 16.28 15.77
CA LEU A 144 -9.75 16.23 14.83
C LEU A 144 -9.65 17.46 13.92
N ALA A 145 -10.66 18.33 13.91
CA ALA A 145 -10.70 19.42 12.95
C ALA A 145 -9.58 20.43 13.18
N ARG A 146 -9.17 21.08 12.09
CA ARG A 146 -8.16 22.12 12.17
C ARG A 146 -8.78 23.44 12.63
N THR A 147 -7.97 24.26 13.28
CA THR A 147 -8.42 25.51 13.89
C THR A 147 -7.85 26.70 13.12
N ALA A 148 -8.36 27.90 13.45
CA ALA A 148 -7.75 29.11 12.92
C ALA A 148 -6.29 29.21 13.33
N GLU A 149 -5.99 28.83 14.58
CA GLU A 149 -4.60 28.73 15.02
C GLU A 149 -3.80 27.80 14.11
N ASP A 150 -4.41 26.71 13.65
CA ASP A 150 -3.72 25.78 12.77
C ASP A 150 -3.37 26.44 11.45
N ASP A 151 -4.35 27.10 10.82
CA ASP A 151 -4.11 27.75 9.54
C ASP A 151 -3.05 28.83 9.66
N GLU A 152 -3.05 29.58 10.76
CA GLU A 152 -2.13 30.70 10.90
C GLU A 152 -0.71 30.27 11.25
N ALA A 153 -0.55 29.09 11.86
CA ALA A 153 0.75 28.66 12.34
C ALA A 153 1.68 28.35 11.17
N PRO A 154 2.98 28.61 11.32
CA PRO A 154 3.94 28.30 10.25
C PRO A 154 4.28 26.82 10.20
N VAL A 155 4.96 26.44 9.12
CA VAL A 155 5.27 25.05 8.81
C VAL A 155 6.63 24.70 9.41
N ASP A 156 6.65 23.68 10.27
CA ASP A 156 7.89 23.22 10.91
C ASP A 156 8.00 21.72 10.74
N LEU A 157 9.14 21.27 10.20
CA LEU A 157 9.39 19.86 9.94
C LEU A 157 9.96 19.12 11.14
N ASN A 158 9.78 19.66 12.35
CA ASN A 158 10.22 19.01 13.58
C ASN A 158 9.22 19.25 14.71
N ARG A 184 29.33 34.89 -11.33
CA ARG A 184 27.88 35.05 -11.33
C ARG A 184 27.32 34.77 -12.72
N ASN A 185 28.22 34.64 -13.69
CA ASN A 185 27.82 34.27 -15.04
C ASN A 185 27.35 32.81 -15.05
N ILE A 186 26.36 32.51 -15.90
CA ILE A 186 25.71 31.21 -15.92
C ILE A 186 25.89 30.60 -17.30
N LYS A 187 26.37 29.36 -17.34
CA LYS A 187 26.49 28.58 -18.56
C LYS A 187 25.42 27.49 -18.58
N GLU A 188 24.68 27.40 -19.68
CA GLU A 188 23.66 26.37 -19.80
C GLU A 188 24.29 24.99 -20.02
N ALA A 189 23.61 23.96 -19.51
CA ALA A 189 24.20 22.62 -19.46
C ALA A 189 24.39 22.04 -20.85
N TRP A 190 23.50 22.34 -21.79
CA TRP A 190 23.66 21.79 -23.12
C TRP A 190 24.87 22.37 -23.84
N THR A 191 25.41 23.50 -23.36
CA THR A 191 26.66 24.04 -23.85
C THR A 191 27.84 23.70 -22.95
N ALA A 192 27.70 22.67 -22.11
CA ALA A 192 28.73 22.33 -21.13
C ALA A 192 29.52 21.13 -21.63
N THR A 193 30.69 21.43 -22.18
CA THR A 193 31.66 20.47 -22.71
C THR A 193 32.40 19.67 -21.64
N GLU A 194 32.55 20.21 -20.44
CA GLU A 194 33.38 19.57 -19.41
C GLU A 194 32.92 18.14 -19.14
N GLN A 195 33.87 17.26 -18.83
CA GLN A 195 33.48 15.91 -18.44
C GLN A 195 33.12 15.83 -16.98
N LEU A 196 32.06 15.08 -16.70
CA LEU A 196 31.67 14.79 -15.34
C LEU A 196 32.84 14.12 -14.62
N GLN A 197 33.33 14.77 -13.57
CA GLN A 197 34.41 14.24 -12.78
C GLN A 197 34.30 14.81 -11.37
N PHE A 198 34.98 14.15 -10.44
CA PHE A 198 34.94 14.57 -9.04
C PHE A 198 36.01 13.80 -8.31
N THR A 199 36.52 14.34 -7.22
CA THR A 199 37.46 13.58 -6.39
C THR A 199 36.73 13.09 -5.16
N VAL A 200 36.71 11.77 -4.99
CA VAL A 200 36.27 11.19 -3.72
C VAL A 200 37.42 11.42 -2.72
N TYR A 201 37.19 12.27 -1.72
CA TYR A 201 38.26 12.70 -0.81
C TYR A 201 38.43 11.72 0.33
N ALA A 202 37.45 11.67 1.24
CA ALA A 202 37.64 10.87 2.43
C ALA A 202 36.30 10.53 3.07
N ALA A 203 36.33 9.49 3.91
CA ALA A 203 35.28 9.15 4.85
C ALA A 203 35.78 9.40 6.27
N HIS A 204 34.99 10.09 7.07
CA HIS A 204 35.39 10.54 8.41
C HIS A 204 34.45 9.99 9.48
N GLY A 205 35.04 9.50 10.57
CA GLY A 205 34.31 8.99 11.69
C GLY A 205 34.06 7.50 11.71
N ILE A 206 34.97 6.69 11.17
CA ILE A 206 34.73 5.25 11.09
C ILE A 206 34.90 4.61 12.47
N SER A 207 34.24 3.47 12.65
CA SER A 207 34.06 2.89 13.98
C SER A 207 35.25 2.01 14.37
N SER A 208 35.32 1.70 15.66
CA SER A 208 36.38 0.85 16.19
C SER A 208 36.33 -0.55 15.56
N ASN A 209 35.14 -1.16 15.55
CA ASN A 209 35.05 -2.51 15.01
C ASN A 209 35.32 -2.54 13.52
N TRP A 210 35.05 -1.43 12.81
CA TRP A 210 35.47 -1.34 11.42
C TRP A 210 36.99 -1.42 11.30
N VAL A 211 37.70 -0.63 12.12
CA VAL A 211 39.16 -0.67 12.12
C VAL A 211 39.65 -2.05 12.54
N SER A 212 38.82 -2.77 13.31
CA SER A 212 39.18 -4.12 13.75
C SER A 212 39.05 -5.13 12.62
N ASN A 213 37.97 -5.03 11.84
CA ASN A 213 37.54 -6.07 10.91
C ASN A 213 38.14 -5.96 9.51
N TYR A 214 38.42 -4.76 9.03
CA TYR A 214 38.89 -4.58 7.67
C TYR A 214 40.26 -3.94 7.64
N GLU A 215 40.97 -4.15 6.53
CA GLU A 215 42.30 -3.57 6.35
C GLU A 215 42.34 -2.45 5.33
N LYS A 216 41.53 -2.51 4.28
CA LYS A 216 41.43 -1.43 3.30
C LYS A 216 39.97 -1.26 2.87
N TYR A 217 39.70 -0.11 2.25
CA TYR A 217 38.35 0.24 1.83
C TYR A 217 38.39 0.81 0.41
N TYR A 218 37.26 0.71 -0.28
CA TYR A 218 37.13 1.29 -1.61
C TYR A 218 35.67 1.58 -1.90
N LEU A 219 35.46 2.46 -2.88
CA LEU A 219 34.13 2.88 -3.30
C LEU A 219 33.85 2.38 -4.72
N ILE A 220 32.60 1.98 -4.96
CA ILE A 220 32.08 1.73 -6.30
C ILE A 220 31.20 2.92 -6.67
N CYS A 221 31.56 3.61 -7.75
CA CYS A 221 30.81 4.80 -8.18
C CYS A 221 29.96 4.43 -9.37
N SER A 222 28.65 4.61 -9.23
CA SER A 222 27.75 4.39 -10.36
C SER A 222 27.00 5.67 -10.67
N LEU A 223 26.64 5.80 -11.94
CA LEU A 223 25.91 6.94 -12.47
C LEU A 223 24.65 6.41 -13.13
N SER A 224 23.49 6.92 -12.71
CA SER A 224 22.25 6.31 -13.20
C SER A 224 21.20 7.37 -13.52
N HIS A 225 20.23 6.95 -14.32
CA HIS A 225 19.03 7.71 -14.60
C HIS A 225 17.91 6.71 -14.90
N ASN A 226 16.69 7.05 -14.48
CA ASN A 226 15.55 6.14 -14.65
C ASN A 226 15.84 4.78 -14.03
N GLY A 227 16.62 4.78 -12.96
CA GLY A 227 16.96 3.55 -12.28
C GLY A 227 17.89 2.62 -13.02
N LYS A 228 18.56 3.09 -14.07
CA LYS A 228 19.49 2.24 -14.82
C LYS A 228 20.82 2.97 -14.95
N ASP A 229 21.92 2.20 -14.92
CA ASP A 229 23.23 2.79 -15.10
C ASP A 229 23.36 3.40 -16.49
N LEU A 230 23.89 4.63 -16.54
CA LEU A 230 24.24 5.22 -17.83
C LEU A 230 25.56 4.68 -18.35
N PHE A 231 26.47 4.32 -17.45
CA PHE A 231 27.74 3.74 -17.82
C PHE A 231 28.11 2.71 -16.76
N LYS A 232 29.06 1.85 -17.10
CA LYS A 232 29.52 0.85 -16.15
C LYS A 232 30.19 1.53 -14.95
N PRO A 233 30.03 0.99 -13.75
CA PRO A 233 30.55 1.70 -12.58
C PRO A 233 32.07 1.69 -12.54
N ILE A 234 32.60 2.75 -11.95
CA ILE A 234 34.05 2.96 -11.79
C ILE A 234 34.40 2.72 -10.33
N GLN A 235 35.44 1.93 -10.10
CA GLN A 235 35.85 1.55 -8.75
C GLN A 235 37.06 2.37 -8.31
N SER A 236 37.02 2.85 -7.07
CA SER A 236 38.13 3.58 -6.48
C SER A 236 39.25 2.61 -6.08
N LYS A 237 40.41 3.17 -5.76
CA LYS A 237 41.50 2.36 -5.26
C LYS A 237 41.21 1.95 -3.81
N LYS A 238 41.86 0.87 -3.39
CA LYS A 238 41.68 0.34 -2.04
C LYS A 238 42.73 0.96 -1.12
N VAL A 239 42.27 1.82 -0.20
CA VAL A 239 43.21 2.53 0.71
C VAL A 239 42.85 2.21 2.16
N GLY A 240 43.85 2.22 3.05
CA GLY A 240 43.61 1.97 4.48
C GLY A 240 43.35 3.27 5.24
N THR A 241 43.20 3.16 6.56
CA THR A 241 42.96 4.37 7.39
C THR A 241 44.18 5.29 7.29
N TYR A 242 43.95 6.61 7.28
CA TYR A 242 45.06 7.59 7.12
C TYR A 242 45.99 7.52 8.33
N LYS A 243 47.28 7.79 8.11
CA LYS A 243 48.26 7.68 9.22
C LYS A 243 47.91 8.69 10.32
N ASN A 244 47.86 8.24 11.57
CA ASN A 244 47.61 9.14 12.73
C ASN A 244 46.12 9.52 12.80
N ALA A 245 45.30 8.97 11.89
CA ALA A 245 43.86 9.31 11.85
C ALA A 245 43.05 8.04 11.55
N ALA A 246 42.88 7.17 12.54
CA ALA A 246 42.17 5.89 12.30
C ALA A 246 40.73 6.18 11.87
N TYR A 247 40.09 7.18 12.48
CA TYR A 247 38.69 7.56 12.16
C TYR A 247 38.57 8.02 10.70
N LEU A 248 39.68 8.17 9.98
CA LEU A 248 39.62 8.75 8.65
C LEU A 248 40.15 7.76 7.61
N ILE A 249 39.41 7.61 6.51
CA ILE A 249 39.87 6.93 5.29
C ILE A 249 40.03 7.99 4.22
N LYS A 250 41.24 8.18 3.72
CA LYS A 250 41.51 9.24 2.76
C LYS A 250 41.90 8.64 1.41
N TRP A 251 41.07 8.87 0.39
CA TRP A 251 41.37 8.46 -0.97
C TRP A 251 42.01 9.58 -1.78
N ASP A 252 41.47 10.79 -1.69
CA ASP A 252 41.93 11.93 -2.48
C ASP A 252 42.09 11.56 -3.94
N GLU A 253 41.11 10.81 -4.47
CA GLU A 253 41.22 10.21 -5.79
C GLU A 253 40.22 10.84 -6.77
N LEU A 254 40.73 11.30 -7.90
CA LEU A 254 39.88 11.82 -8.96
C LEU A 254 39.25 10.67 -9.74
N ILE A 255 37.96 10.83 -10.03
CA ILE A 255 37.15 9.88 -10.78
C ILE A 255 36.57 10.64 -11.96
N ILE A 256 36.81 10.11 -13.17
CA ILE A 256 36.35 10.69 -14.43
C ILE A 256 35.44 9.68 -15.12
N PHE A 257 34.23 10.10 -15.46
CA PHE A 257 33.34 9.26 -16.23
C PHE A 257 33.44 9.57 -17.72
N PRO A 258 33.13 8.60 -18.60
CA PRO A 258 33.17 8.87 -20.04
C PRO A 258 31.92 9.57 -20.53
N ILE A 259 31.49 10.55 -19.76
CA ILE A 259 30.32 11.33 -20.08
C ILE A 259 30.67 12.78 -19.87
N GLN A 260 29.91 13.61 -20.59
CA GLN A 260 30.03 15.06 -20.73
C GLN A 260 28.84 15.74 -20.09
N ILE A 261 29.08 16.90 -19.47
CA ILE A 261 28.01 17.53 -18.68
C ILE A 261 26.74 17.69 -19.51
N SER A 262 26.88 18.08 -20.77
CA SER A 262 25.73 18.23 -21.65
C SER A 262 25.04 16.92 -21.97
N GLN A 263 25.61 15.79 -21.57
CA GLN A 263 24.98 14.49 -21.78
C GLN A 263 24.24 14.00 -20.56
N LEU A 264 24.23 14.76 -19.47
CA LEU A 264 23.64 14.28 -18.22
C LEU A 264 22.16 14.67 -18.19
N PRO A 265 21.25 13.71 -18.06
CA PRO A 265 19.84 14.10 -17.83
C PRO A 265 19.70 14.85 -16.52
N LEU A 266 18.63 15.64 -16.44
CA LEU A 266 18.37 16.42 -15.23
C LEU A 266 18.35 15.54 -13.97
N GLU A 267 17.70 14.36 -14.04
CA GLU A 267 17.54 13.51 -12.85
C GLU A 267 18.72 12.57 -12.64
N SER A 268 19.90 12.96 -13.12
CA SER A 268 21.07 12.10 -12.98
C SER A 268 21.51 12.02 -11.53
N VAL A 269 21.83 10.80 -11.09
CA VAL A 269 22.21 10.52 -9.72
C VAL A 269 23.53 9.75 -9.71
N LEU A 270 24.43 10.16 -8.82
CA LEU A 270 25.70 9.49 -8.57
C LEU A 270 25.58 8.65 -7.31
N HIS A 271 25.93 7.37 -7.41
CA HIS A 271 25.85 6.45 -6.29
C HIS A 271 27.25 6.04 -5.86
N LEU A 272 27.51 6.14 -4.56
CA LEU A 272 28.81 5.81 -3.99
C LEU A 272 28.60 4.73 -2.93
N THR A 273 29.10 3.54 -3.18
CA THR A 273 28.96 2.43 -2.23
C THR A 273 30.32 2.12 -1.62
N LEU A 274 30.37 2.02 -0.29
CA LEU A 274 31.62 1.76 0.42
C LEU A 274 31.78 0.28 0.69
N PHE A 275 32.99 -0.23 0.49
CA PHE A 275 33.31 -1.63 0.71
C PHE A 275 34.53 -1.74 1.60
N GLY A 276 34.53 -2.73 2.47
CA GLY A 276 35.69 -3.06 3.27
C GLY A 276 36.18 -4.46 2.92
N VAL A 277 37.50 -4.62 2.88
CA VAL A 277 38.12 -5.92 2.61
C VAL A 277 38.68 -6.47 3.92
N LEU A 278 38.30 -7.72 4.23
CA LEU A 278 38.57 -8.32 5.52
C LEU A 278 40.02 -8.76 5.64
N ASN A 279 40.51 -8.74 6.87
CA ASN A 279 41.90 -8.98 7.21
C ASN A 279 42.21 -10.38 7.72
N GLN A 280 41.36 -10.98 8.55
CA GLN A 280 41.54 -12.38 9.00
C GLN A 280 42.93 -12.65 9.59
N GLY A 294 34.93 -12.32 1.35
CA GLY A 294 34.91 -11.38 0.25
C GLY A 294 34.67 -9.94 0.69
N PRO A 295 34.74 -9.00 -0.25
CA PRO A 295 34.44 -7.61 0.08
C PRO A 295 33.00 -7.47 0.58
N GLU A 296 32.83 -6.60 1.57
CA GLU A 296 31.59 -6.56 2.34
C GLU A 296 31.05 -5.13 2.34
N ALA A 297 29.81 -4.97 1.86
CA ALA A 297 29.24 -3.65 1.66
C ALA A 297 28.96 -2.97 3.00
N LEU A 298 29.40 -1.72 3.12
CA LEU A 298 29.32 -0.98 4.37
C LEU A 298 28.26 0.11 4.36
N GLY A 299 27.84 0.57 3.19
CA GLY A 299 26.86 1.63 3.10
C GLY A 299 26.86 2.22 1.71
N LYS A 300 25.87 3.08 1.48
CA LYS A 300 25.64 3.66 0.16
C LYS A 300 25.21 5.10 0.32
N VAL A 301 25.64 5.94 -0.61
CA VAL A 301 25.31 7.35 -0.65
C VAL A 301 24.81 7.68 -2.05
N SER A 302 23.88 8.63 -2.14
CA SER A 302 23.44 9.14 -3.44
C SER A 302 23.60 10.65 -3.46
N LEU A 303 23.98 11.17 -4.62
CA LEU A 303 24.12 12.60 -4.83
C LEU A 303 23.41 12.95 -6.12
N THR A 304 22.52 13.94 -6.06
CA THR A 304 21.93 14.39 -7.31
C THR A 304 22.94 15.26 -8.05
N LEU A 305 22.97 15.11 -9.37
CA LEU A 305 23.96 15.86 -10.14
C LEU A 305 23.50 17.30 -10.35
N PHE A 306 22.20 17.53 -10.33
CA PHE A 306 21.65 18.88 -10.34
C PHE A 306 20.77 19.03 -9.12
N ASP A 307 20.84 20.20 -8.48
CA ASP A 307 20.06 20.44 -7.29
C ASP A 307 18.65 20.88 -7.65
N PHE A 308 17.86 21.17 -6.61
CA PHE A 308 16.45 21.47 -6.81
C PHE A 308 16.19 22.74 -7.62
N LYS A 309 17.23 23.52 -7.93
CA LYS A 309 17.11 24.70 -8.79
C LYS A 309 17.76 24.50 -10.15
N ARG A 310 18.17 23.27 -10.49
CA ARG A 310 18.79 22.89 -11.76
C ARG A 310 20.25 23.34 -11.89
N PHE A 311 20.88 23.76 -10.81
CA PHE A 311 22.29 24.10 -10.81
C PHE A 311 23.12 22.83 -10.59
N LEU A 312 24.01 22.55 -11.53
CA LEU A 312 25.00 21.48 -11.33
C LEU A 312 25.77 21.65 -10.04
N THR A 313 25.89 20.54 -9.31
CA THR A 313 26.63 20.52 -8.07
C THR A 313 28.09 20.91 -8.31
N CYS A 314 28.62 21.80 -7.47
CA CYS A 314 29.98 22.28 -7.60
C CYS A 314 30.61 22.38 -6.22
N GLY A 315 31.94 22.23 -6.17
CA GLY A 315 32.62 22.33 -4.91
C GLY A 315 32.43 21.12 -4.02
N THR A 316 32.83 21.29 -2.75
CA THR A 316 32.78 20.18 -1.82
C THR A 316 31.35 19.95 -1.36
N LYS A 317 30.89 18.73 -1.49
CA LYS A 317 29.62 18.33 -0.94
C LYS A 317 29.83 17.14 -0.01
N LEU A 318 29.22 17.23 1.16
CA LEU A 318 29.33 16.19 2.15
C LEU A 318 28.09 15.33 2.11
N ALA A 319 28.27 14.05 2.43
CA ALA A 319 27.18 13.09 2.37
C ALA A 319 27.30 12.16 3.56
N TYR A 320 26.17 11.59 3.98
CA TYR A 320 26.10 10.89 5.26
C TYR A 320 25.74 9.43 5.02
N LEU A 321 26.58 8.55 5.51
CA LEU A 321 26.40 7.10 5.43
C LEU A 321 26.10 6.60 6.83
N TRP A 322 24.98 5.89 7.00
CA TRP A 322 24.56 5.45 8.32
C TRP A 322 24.84 3.96 8.48
N THR A 323 25.72 3.63 9.43
CA THR A 323 25.97 2.22 9.73
C THR A 323 24.78 1.60 10.46
N SER A 324 24.18 2.35 11.37
CA SER A 324 23.01 1.91 12.15
C SER A 324 23.27 0.59 12.88
N GLU A 342 24.89 5.36 13.72
CA GLU A 342 26.20 5.98 13.59
C GLU A 342 26.39 6.65 12.22
N ARG A 343 26.90 7.88 12.23
CA ARG A 343 26.97 8.72 11.04
C ARG A 343 28.42 8.83 10.56
N ILE A 344 28.67 8.40 9.32
CA ILE A 344 29.95 8.61 8.64
C ILE A 344 29.75 9.76 7.68
N VAL A 345 30.71 10.68 7.64
CA VAL A 345 30.70 11.75 6.66
C VAL A 345 31.64 11.36 5.53
N LEU A 346 31.16 11.52 4.29
CA LEU A 346 31.90 11.26 3.07
C LEU A 346 32.03 12.58 2.32
N GLN A 347 33.22 12.91 1.86
CA GLN A 347 33.45 14.17 1.17
C GLN A 347 33.70 13.92 -0.31
N VAL A 348 32.90 14.57 -1.16
CA VAL A 348 33.08 14.51 -2.61
C VAL A 348 33.34 15.93 -3.11
N ASP A 349 34.48 16.13 -3.77
CA ASP A 349 34.84 17.44 -4.27
C ASP A 349 34.54 17.52 -5.76
N PHE A 350 33.61 18.39 -6.14
CA PHE A 350 33.25 18.63 -7.52
C PHE A 350 33.97 19.87 -8.03
N PRO A 351 34.23 19.93 -9.33
CA PRO A 351 34.86 21.13 -9.90
C PRO A 351 34.00 22.35 -9.58
N SER A 352 34.67 23.46 -9.30
CA SER A 352 33.99 24.71 -8.99
C SER A 352 34.60 25.80 -9.86
N PRO A 353 34.07 25.98 -11.07
CA PRO A 353 34.55 27.07 -11.94
C PRO A 353 34.10 28.43 -11.44
N ALA A 354 34.47 29.48 -12.16
CA ALA A 354 34.01 30.82 -11.82
C ALA A 354 32.59 31.08 -12.29
N PHE A 355 31.91 30.05 -12.78
CA PHE A 355 30.56 30.19 -13.31
C PHE A 355 29.69 29.05 -12.80
N ASP A 356 28.38 29.26 -12.88
CA ASP A 356 27.40 28.24 -12.54
C ASP A 356 26.88 27.58 -13.81
N ILE A 357 26.76 26.26 -13.77
CA ILE A 357 26.14 25.47 -14.84
C ILE A 357 24.69 25.21 -14.45
N ILE A 358 23.76 25.61 -15.31
CA ILE A 358 22.34 25.37 -15.09
C ILE A 358 21.83 24.43 -16.17
N TYR A 359 20.93 23.53 -15.79
CA TYR A 359 20.20 22.72 -16.75
C TYR A 359 19.04 23.54 -17.30
N THR A 360 18.92 23.58 -18.62
CA THR A 360 17.79 24.21 -19.28
C THR A 360 17.12 23.17 -20.17
N SER A 361 15.83 22.92 -19.92
CA SER A 361 15.09 21.95 -20.71
C SER A 361 14.99 22.42 -22.17
N PRO A 362 14.89 21.49 -23.11
CA PRO A 362 14.95 21.87 -24.53
C PRO A 362 13.77 22.75 -24.93
N GLN A 363 13.96 23.43 -26.05
CA GLN A 363 12.93 24.27 -26.63
C GLN A 363 11.69 23.53 -27.12
N ILE A 364 10.53 24.11 -26.76
CA ILE A 364 9.24 23.47 -26.92
C ILE A 364 8.96 23.20 -28.38
N ASP A 365 8.48 21.99 -28.66
CA ASP A 365 8.10 21.58 -29.99
C ASP A 365 6.57 21.54 -30.05
N ARG A 366 5.99 22.30 -30.96
CA ARG A 366 4.54 22.43 -31.08
C ARG A 366 4.09 21.79 -32.39
N ASN A 367 3.23 20.78 -32.27
CA ASN A 367 2.66 20.12 -33.44
C ASN A 367 1.34 19.48 -33.02
N ILE A 368 0.46 19.29 -34.00
CA ILE A 368 -0.88 18.79 -33.73
C ILE A 368 -1.00 17.30 -34.12
N ILE A 369 0.12 16.61 -34.30
CA ILE A 369 0.12 15.27 -34.88
C ILE A 369 -0.81 14.31 -34.14
N ASP A 372 -3.65 11.60 -36.78
CA ASP A 372 -4.43 12.74 -37.28
C ASP A 372 -4.66 12.63 -38.79
N LYS A 373 -3.63 13.00 -39.55
CA LYS A 373 -3.67 12.94 -41.02
C LYS A 373 -2.34 12.36 -41.50
N LEU A 374 -2.15 11.07 -41.25
CA LEU A 374 -0.94 10.36 -41.66
C LEU A 374 -1.32 9.07 -42.39
N GLU A 375 -0.35 8.51 -43.09
CA GLU A 375 -0.62 7.31 -43.88
C GLU A 375 -1.02 6.14 -42.98
N THR A 376 -2.06 5.43 -43.39
CA THR A 376 -2.50 4.24 -42.66
C THR A 376 -2.37 3.02 -43.54
N LEU A 377 -1.15 2.71 -43.98
CA LEU A 377 -0.93 1.58 -44.87
C LEU A 377 -1.50 0.29 -44.27
N GLU A 378 -1.20 0.05 -42.98
CA GLU A 378 -1.81 -1.04 -42.22
C GLU A 378 -1.66 -2.39 -42.93
N SER A 379 -0.49 -2.59 -43.55
CA SER A 379 -0.17 -3.86 -44.20
C SER A 379 0.19 -4.91 -43.14
N ASP A 380 -0.84 -5.27 -42.35
CA ASP A 380 -0.66 -6.23 -41.23
C ASP A 380 0.05 -5.51 -40.07
N ILE A 381 0.58 -4.31 -40.34
CA ILE A 381 1.31 -3.54 -39.31
C ILE A 381 0.33 -2.98 -38.28
N LYS A 382 -0.87 -2.57 -38.71
CA LYS A 382 -1.90 -2.08 -37.76
C LYS A 382 -2.28 -3.21 -36.81
N GLY A 383 -2.42 -4.42 -37.33
CA GLY A 383 -2.74 -5.59 -36.48
C GLY A 383 -1.63 -5.84 -35.49
N LYS A 384 -0.38 -5.73 -35.94
CA LYS A 384 0.77 -5.93 -35.02
C LYS A 384 0.72 -4.84 -33.94
N LEU A 385 0.38 -3.61 -34.32
CA LEU A 385 0.32 -2.49 -33.35
C LEU A 385 -0.76 -2.78 -32.31
N LEU A 386 -1.92 -3.27 -32.75
CA LEU A 386 -3.03 -3.53 -31.80
C LEU A 386 -2.62 -4.66 -30.86
N ASP A 387 -1.96 -5.70 -31.40
CA ASP A 387 -1.46 -6.76 -30.55
C ASP A 387 -0.57 -6.20 -29.45
N ILE A 388 0.34 -5.29 -29.81
CA ILE A 388 1.20 -4.68 -28.79
C ILE A 388 0.38 -3.79 -27.85
N ILE A 389 -0.55 -3.01 -28.41
CA ILE A 389 -1.35 -2.10 -27.60
C ILE A 389 -2.18 -2.87 -26.58
N HIS A 390 -2.84 -3.93 -27.03
CA HIS A 390 -3.70 -4.73 -26.17
C HIS A 390 -2.93 -5.82 -25.43
N ARG A 391 -1.61 -5.78 -25.47
CA ARG A 391 -0.81 -6.67 -24.63
C ARG A 391 -1.07 -6.36 -23.16
N ASP A 392 -0.70 -7.30 -22.29
CA ASP A 392 -1.04 -7.14 -20.87
C ASP A 392 -0.28 -5.97 -20.24
N SER A 393 1.02 -5.91 -20.44
CA SER A 393 1.86 -4.96 -19.73
C SER A 393 3.07 -4.66 -20.59
N SER A 394 3.91 -3.74 -20.10
CA SER A 394 5.22 -3.52 -20.69
C SER A 394 6.19 -4.65 -20.39
N PHE A 395 5.86 -5.49 -19.40
CA PHE A 395 6.79 -6.50 -18.91
C PHE A 395 7.11 -7.52 -20.01
N GLY A 396 8.40 -7.64 -20.34
CA GLY A 396 8.86 -8.60 -21.31
C GLY A 396 8.71 -8.20 -22.76
N LEU A 397 8.48 -6.92 -23.03
CA LEU A 397 8.18 -6.49 -24.39
C LEU A 397 9.44 -6.54 -25.25
N SER A 398 9.35 -7.11 -26.44
CA SER A 398 10.53 -7.38 -27.24
C SER A 398 11.18 -6.10 -27.74
N LYS A 399 12.50 -6.14 -27.91
CA LYS A 399 13.19 -4.99 -28.49
C LYS A 399 12.60 -4.54 -29.83
N GLU A 400 12.35 -5.49 -30.71
CA GLU A 400 11.82 -5.16 -32.00
C GLU A 400 10.43 -4.58 -31.87
N ASP A 401 9.60 -5.19 -31.02
CA ASP A 401 8.31 -4.63 -30.69
C ASP A 401 8.46 -3.21 -30.15
N LYS A 402 9.49 -2.97 -29.32
CA LYS A 402 9.73 -1.63 -28.80
C LYS A 402 10.04 -0.63 -29.93
N VAL A 403 10.92 -1.01 -30.87
CA VAL A 403 11.28 -0.05 -31.91
C VAL A 403 10.08 0.32 -32.77
N PHE A 404 9.19 -0.64 -33.06
CA PHE A 404 8.08 -0.20 -33.92
C PHE A 404 6.89 0.36 -33.14
N LEU A 405 6.73 0.03 -31.86
CA LEU A 405 5.79 0.83 -31.12
C LEU A 405 6.26 2.28 -31.06
N TRP A 406 7.58 2.51 -31.04
CA TRP A 406 8.07 3.88 -31.00
C TRP A 406 7.86 4.59 -32.34
N GLU A 407 8.06 3.90 -33.49
CA GLU A 407 7.72 4.57 -34.72
C GLU A 407 6.24 4.88 -34.84
N ASN A 408 5.39 3.99 -34.43
CA ASN A 408 3.98 4.18 -34.64
C ASN A 408 3.30 4.69 -33.39
N ARG A 409 4.07 5.39 -32.54
CA ARG A 409 3.51 5.97 -31.34
C ARG A 409 2.40 6.97 -31.66
N TYR A 410 2.58 7.74 -32.74
CA TYR A 410 1.55 8.70 -33.09
C TYR A 410 0.30 8.04 -33.68
N TYR A 411 0.28 6.72 -33.84
CA TYR A 411 -0.95 6.02 -34.21
C TYR A 411 -1.63 5.40 -33.01
N CYS A 412 -1.09 5.60 -31.81
CA CYS A 412 -1.63 5.05 -30.58
C CYS A 412 -2.32 6.08 -29.69
N LEU A 413 -2.46 7.34 -30.15
CA LEU A 413 -3.13 8.35 -29.32
C LEU A 413 -4.54 7.91 -28.93
N LYS A 414 -5.23 7.24 -29.84
CA LYS A 414 -6.51 6.65 -29.53
C LYS A 414 -6.52 5.70 -28.32
N HIS A 415 -5.38 5.16 -27.91
CA HIS A 415 -5.31 4.29 -26.73
C HIS A 415 -4.46 4.93 -25.65
N PRO A 416 -5.04 5.63 -24.68
CA PRO A 416 -4.20 6.36 -23.72
C PRO A 416 -3.38 5.47 -22.79
N ASN A 417 -3.98 4.44 -22.20
CA ASN A 417 -3.31 3.62 -21.19
C ASN A 417 -2.12 2.83 -21.74
N CYS A 418 -1.78 2.98 -23.02
CA CYS A 418 -0.59 2.37 -23.55
C CYS A 418 0.62 3.29 -23.52
N LEU A 419 0.43 4.53 -23.05
CA LEU A 419 1.55 5.48 -22.99
C LEU A 419 2.78 4.92 -22.27
N PRO A 420 2.65 4.23 -21.12
CA PRO A 420 3.87 3.68 -20.50
C PRO A 420 4.70 2.82 -21.44
N LYS A 421 4.06 1.88 -22.15
CA LYS A 421 4.77 1.06 -23.12
C LYS A 421 5.57 1.93 -24.10
N ILE A 422 4.91 2.90 -24.72
CA ILE A 422 5.60 3.85 -25.60
C ILE A 422 6.77 4.49 -24.85
N LEU A 423 6.53 5.01 -23.65
CA LEU A 423 7.62 5.64 -22.92
C LEU A 423 8.70 4.63 -22.58
N ALA A 424 8.32 3.37 -22.32
CA ALA A 424 9.29 2.33 -22.02
C ALA A 424 10.08 1.91 -23.26
N SER A 425 9.62 2.30 -24.44
CA SER A 425 10.27 1.93 -25.69
C SER A 425 10.97 3.13 -26.32
N ALA A 426 11.21 4.18 -25.55
CA ALA A 426 12.01 5.28 -26.05
C ALA A 426 13.43 4.78 -26.27
N PRO A 427 14.08 5.21 -27.36
CA PRO A 427 15.47 4.79 -27.59
C PRO A 427 16.44 5.32 -26.55
N ASN A 428 16.20 6.52 -26.05
CA ASN A 428 17.06 7.12 -25.04
C ASN A 428 16.31 8.29 -24.40
N TRP A 429 16.96 8.95 -23.46
CA TRP A 429 16.48 10.21 -22.92
C TRP A 429 17.51 11.30 -23.15
N LYS A 430 18.18 11.24 -24.30
CA LYS A 430 19.11 12.29 -24.70
C LYS A 430 18.37 13.61 -24.85
N TRP A 431 19.05 14.69 -24.48
CA TRP A 431 18.44 16.02 -24.47
C TRP A 431 17.72 16.35 -25.77
N ALA A 432 18.27 15.93 -26.92
CA ALA A 432 17.69 16.30 -28.21
C ALA A 432 16.31 15.69 -28.39
N ASN A 433 16.15 14.40 -28.08
CA ASN A 433 14.89 13.71 -28.30
C ASN A 433 13.82 14.12 -27.30
N LEU A 434 14.22 14.85 -26.24
CA LEU A 434 13.28 15.26 -25.21
C LEU A 434 12.19 16.16 -25.75
N ALA A 435 12.52 17.01 -26.73
CA ALA A 435 11.52 17.92 -27.28
C ALA A 435 10.36 17.14 -27.91
N LYS A 436 10.66 16.14 -28.73
CA LYS A 436 9.59 15.37 -29.37
C LYS A 436 8.84 14.54 -28.33
N THR A 437 9.55 13.98 -27.36
CA THR A 437 8.86 13.21 -26.32
C THR A 437 7.86 14.10 -25.57
N TYR A 438 8.29 15.31 -25.18
CA TYR A 438 7.42 16.22 -24.45
C TYR A 438 6.26 16.69 -25.32
N SER A 439 6.53 16.95 -26.61
CA SER A 439 5.45 17.34 -27.51
C SER A 439 4.38 16.26 -27.57
N LEU A 440 4.79 15.00 -27.62
CA LEU A 440 3.81 13.92 -27.57
C LEU A 440 3.07 13.93 -26.24
N LEU A 441 3.80 14.05 -25.12
CA LEU A 441 3.17 13.99 -23.81
C LEU A 441 2.13 15.08 -23.61
N HIS A 442 2.35 16.26 -24.15
CA HIS A 442 1.42 17.33 -23.85
C HIS A 442 0.19 17.37 -24.76
N GLN A 443 0.13 16.51 -25.78
CA GLN A 443 -1.10 16.32 -26.53
C GLN A 443 -1.71 14.94 -26.26
N TRP A 444 -1.24 14.25 -25.24
CA TRP A 444 -1.71 12.91 -24.95
C TRP A 444 -3.01 12.95 -24.15
N PRO A 445 -3.93 12.00 -24.38
CA PRO A 445 -5.19 11.97 -23.62
C PRO A 445 -4.96 11.56 -22.18
N PRO A 446 -5.83 11.97 -21.27
CA PRO A 446 -5.63 11.63 -19.85
C PRO A 446 -5.72 10.13 -19.60
N LEU A 447 -4.87 9.66 -18.69
CA LEU A 447 -4.80 8.23 -18.42
C LEU A 447 -5.66 7.89 -17.21
N CYS A 448 -6.06 6.62 -17.16
CA CYS A 448 -6.63 6.08 -15.93
C CYS A 448 -5.62 6.27 -14.80
N PRO A 449 -6.06 6.76 -13.62
CA PRO A 449 -5.12 6.87 -12.50
C PRO A 449 -4.32 5.60 -12.28
N LEU A 450 -5.01 4.46 -12.41
CA LEU A 450 -4.36 3.19 -12.10
C LEU A 450 -3.25 2.93 -13.10
N ALA A 451 -3.50 3.23 -14.38
CA ALA A 451 -2.46 3.11 -15.39
C ALA A 451 -1.33 4.08 -15.09
N ALA A 452 -1.69 5.31 -14.71
CA ALA A 452 -0.71 6.34 -14.45
C ALA A 452 0.23 5.99 -13.30
N LEU A 453 -0.14 5.03 -12.42
CA LEU A 453 0.84 4.58 -11.43
C LEU A 453 2.16 4.18 -12.05
N GLU A 454 2.14 3.47 -13.18
CA GLU A 454 3.37 2.93 -13.74
C GLU A 454 4.36 4.04 -14.05
N LEU A 455 3.85 5.23 -14.38
CA LEU A 455 4.68 6.40 -14.64
C LEU A 455 5.32 6.98 -13.38
N LEU A 456 5.09 6.38 -12.22
CA LEU A 456 5.76 6.82 -10.99
C LEU A 456 6.73 5.78 -10.46
N ASP A 457 6.93 4.69 -11.18
CA ASP A 457 7.96 3.73 -10.79
C ASP A 457 9.35 4.26 -11.17
N ALA A 458 10.38 3.50 -10.78
CA ALA A 458 11.75 3.95 -10.91
C ALA A 458 12.15 4.17 -12.38
N LYS A 459 11.63 3.37 -13.31
CA LYS A 459 12.07 3.46 -14.70
C LYS A 459 11.72 4.79 -15.36
N PHE A 460 10.87 5.62 -14.74
CA PHE A 460 10.51 6.93 -15.30
C PHE A 460 10.84 8.00 -14.27
N ALA A 461 12.03 8.58 -14.40
CA ALA A 461 12.51 9.62 -13.49
C ALA A 461 12.17 11.03 -13.95
N ASP A 462 11.83 11.21 -15.23
CA ASP A 462 11.66 12.54 -15.81
C ASP A 462 10.57 13.33 -15.10
N GLN A 463 10.90 14.56 -14.69
CA GLN A 463 9.94 15.38 -13.95
C GLN A 463 8.66 15.63 -14.73
N GLU A 464 8.78 15.83 -16.05
CA GLU A 464 7.57 16.11 -16.83
C GLU A 464 6.65 14.91 -16.85
N VAL A 465 7.19 13.73 -17.16
CA VAL A 465 6.42 12.50 -17.15
C VAL A 465 5.74 12.32 -15.81
N ARG A 466 6.50 12.46 -14.72
CA ARG A 466 5.96 12.17 -13.39
C ARG A 466 4.91 13.19 -12.96
N SER A 467 5.17 14.47 -13.19
CA SER A 467 4.18 15.48 -12.81
C SER A 467 2.90 15.31 -13.61
N LEU A 468 3.01 14.94 -14.88
CA LEU A 468 1.81 14.78 -15.67
C LEU A 468 1.10 13.48 -15.30
N ALA A 469 1.85 12.48 -14.87
CA ALA A 469 1.25 11.29 -14.27
C ALA A 469 0.46 11.66 -13.03
N VAL A 470 1.01 12.54 -12.19
CA VAL A 470 0.29 12.93 -10.98
C VAL A 470 -0.96 13.74 -11.35
N SER A 471 -0.87 14.55 -12.40
CA SER A 471 -2.03 15.32 -12.83
C SER A 471 -3.15 14.39 -13.32
N TRP A 472 -2.81 13.29 -14.01
CA TRP A 472 -3.84 12.32 -14.35
C TRP A 472 -4.36 11.62 -13.09
N MET A 473 -3.45 11.33 -12.16
CA MET A 473 -3.78 10.65 -10.91
C MET A 473 -4.79 11.45 -10.08
N GLU A 474 -4.78 12.76 -10.22
CA GLU A 474 -5.61 13.62 -9.37
C GLU A 474 -7.10 13.39 -9.66
N ALA A 475 -7.43 12.51 -10.60
CA ALA A 475 -8.82 12.15 -10.83
C ALA A 475 -9.30 11.02 -9.92
N ILE A 476 -8.42 10.46 -9.10
CA ILE A 476 -8.77 9.29 -8.30
C ILE A 476 -9.52 9.72 -7.03
N SER A 477 -10.46 8.89 -6.60
CA SER A 477 -11.19 9.17 -5.38
C SER A 477 -10.31 8.91 -4.16
N ASP A 478 -10.66 9.57 -3.06
CA ASP A 478 -9.94 9.33 -1.81
C ASP A 478 -10.12 7.88 -1.36
N ASP A 479 -11.31 7.32 -1.56
CA ASP A 479 -11.57 5.96 -1.10
C ASP A 479 -10.68 4.96 -1.79
N GLU A 480 -10.60 5.04 -3.12
CA GLU A 480 -9.72 4.16 -3.88
C GLU A 480 -8.25 4.43 -3.53
N LEU A 481 -7.88 5.70 -3.39
CA LEU A 481 -6.50 6.07 -3.08
C LEU A 481 -6.01 5.45 -1.77
N ALA A 482 -6.90 5.39 -0.77
CA ALA A 482 -6.50 4.97 0.57
C ALA A 482 -5.93 3.55 0.56
N ASP A 483 -6.57 2.63 -0.16
CA ASP A 483 -6.02 1.28 -0.22
C ASP A 483 -4.75 1.20 -1.06
N LEU A 484 -4.41 2.24 -1.82
CA LEU A 484 -3.19 2.25 -2.63
C LEU A 484 -2.04 3.02 -1.98
N LEU A 485 -2.29 3.74 -0.88
CA LEU A 485 -1.26 4.58 -0.23
C LEU A 485 0.14 3.99 -0.08
N PRO A 486 0.31 2.71 0.30
CA PRO A 486 1.68 2.20 0.47
C PRO A 486 2.56 2.36 -0.77
N GLN A 487 2.00 2.08 -1.95
CA GLN A 487 2.79 2.17 -3.16
C GLN A 487 3.22 3.61 -3.43
N PHE A 488 2.35 4.59 -3.13
CA PHE A 488 2.73 5.99 -3.27
C PHE A 488 3.86 6.36 -2.29
N VAL A 489 3.71 5.95 -1.03
CA VAL A 489 4.75 6.20 -0.04
C VAL A 489 6.10 5.67 -0.55
N GLN A 490 6.06 4.53 -1.23
CA GLN A 490 7.29 3.99 -1.79
C GLN A 490 7.76 4.80 -3.00
N ALA A 491 6.83 5.20 -3.88
CA ALA A 491 7.16 5.99 -5.06
C ALA A 491 7.89 7.28 -4.70
N LEU A 492 7.65 7.80 -3.50
CA LEU A 492 8.42 8.95 -3.03
C LEU A 492 9.93 8.73 -3.18
N LYS A 493 10.39 7.47 -3.15
CA LYS A 493 11.81 7.21 -3.26
C LYS A 493 12.38 7.53 -4.63
N TYR A 494 11.56 7.60 -5.68
CA TYR A 494 12.06 7.87 -7.02
C TYR A 494 11.92 9.33 -7.40
N GLU A 495 11.48 10.17 -6.47
CA GLU A 495 11.61 11.61 -6.61
C GLU A 495 12.94 12.01 -5.98
N ILE A 496 13.81 12.62 -6.79
CA ILE A 496 15.13 12.94 -6.23
C ILE A 496 15.12 14.26 -5.47
N TYR A 497 14.11 15.10 -5.67
CA TYR A 497 13.97 16.35 -4.96
C TYR A 497 12.89 16.24 -3.89
N LEU A 498 13.05 17.01 -2.80
CA LEU A 498 12.12 16.94 -1.68
C LEU A 498 10.73 17.44 -2.09
N ASN A 499 10.64 18.67 -2.56
CA ASN A 499 9.39 19.17 -3.12
C ASN A 499 9.13 18.54 -4.48
N SER A 500 7.95 17.95 -4.65
CA SER A 500 7.64 17.30 -5.90
C SER A 500 6.13 17.25 -6.05
N SER A 501 5.66 17.08 -7.29
CA SER A 501 4.23 17.01 -7.51
C SER A 501 3.59 15.87 -6.73
N LEU A 502 4.30 14.76 -6.59
CA LEU A 502 3.74 13.59 -5.90
C LEU A 502 3.54 13.86 -4.42
N VAL A 503 4.54 14.44 -3.75
CA VAL A 503 4.43 14.66 -2.32
C VAL A 503 3.39 15.75 -2.03
N ARG A 504 3.31 16.76 -2.90
CA ARG A 504 2.26 17.76 -2.73
C ARG A 504 0.88 17.15 -2.93
N PHE A 505 0.75 16.24 -3.90
CA PHE A 505 -0.52 15.58 -4.13
C PHE A 505 -0.93 14.77 -2.90
N LEU A 506 -0.01 14.00 -2.35
CA LEU A 506 -0.29 13.22 -1.14
C LEU A 506 -0.66 14.11 0.05
N LEU A 507 0.09 15.20 0.25
CA LEU A 507 -0.20 16.08 1.38
C LEU A 507 -1.54 16.79 1.21
N SER A 508 -1.88 17.20 -0.01
CA SER A 508 -3.18 17.81 -0.22
C SER A 508 -4.31 16.81 0.00
N ARG A 509 -4.13 15.56 -0.44
CA ARG A 509 -5.16 14.54 -0.20
C ARG A 509 -5.33 14.27 1.29
N ALA A 510 -4.22 14.29 2.04
CA ALA A 510 -4.31 14.12 3.48
C ALA A 510 -5.02 15.29 4.15
N LEU A 511 -4.74 16.51 3.67
CA LEU A 511 -5.40 17.69 4.20
C LEU A 511 -6.93 17.55 4.14
N GLY A 512 -7.45 16.96 3.07
CA GLY A 512 -8.87 16.91 2.81
C GLY A 512 -9.55 15.66 3.30
N ASN A 513 -8.80 14.74 3.87
CA ASN A 513 -9.37 13.44 4.22
C ASN A 513 -8.59 12.85 5.39
N ILE A 514 -9.25 12.75 6.55
CA ILE A 514 -8.59 12.30 7.77
C ILE A 514 -8.10 10.86 7.65
N GLN A 515 -8.78 10.03 6.89
CA GLN A 515 -8.33 8.65 6.73
C GLN A 515 -6.99 8.60 5.99
N ILE A 516 -6.91 9.33 4.87
CA ILE A 516 -5.65 9.46 4.14
C ILE A 516 -4.53 9.89 5.07
N ALA A 517 -4.79 10.94 5.86
CA ALA A 517 -3.76 11.47 6.76
C ALA A 517 -3.27 10.41 7.73
N HIS A 518 -4.22 9.74 8.41
CA HIS A 518 -3.89 8.72 9.40
C HIS A 518 -3.05 7.59 8.78
N SER A 519 -3.49 7.08 7.63
CA SER A 519 -2.78 5.97 7.00
C SER A 519 -1.39 6.39 6.55
N LEU A 520 -1.30 7.56 5.90
CA LEU A 520 0.00 8.14 5.56
C LEU A 520 0.91 8.20 6.79
N TYR A 521 0.36 8.65 7.93
CA TYR A 521 1.18 8.78 9.12
C TYR A 521 1.84 7.46 9.44
N TRP A 522 1.05 6.39 9.51
CA TRP A 522 1.66 5.11 9.89
C TRP A 522 2.65 4.60 8.84
N LEU A 523 2.34 4.80 7.55
CA LEU A 523 3.23 4.34 6.49
C LEU A 523 4.55 5.10 6.50
N LEU A 524 4.51 6.38 6.80
CA LEU A 524 5.75 7.14 6.89
C LEU A 524 6.57 6.72 8.10
N LYS A 525 5.91 6.41 9.23
CA LYS A 525 6.66 5.94 10.38
C LYS A 525 7.41 4.64 10.06
N ASP A 526 6.79 3.69 9.33
CA ASP A 526 7.58 2.55 8.86
C ASP A 526 8.66 2.96 7.87
N ALA A 527 8.36 3.90 6.99
CA ALA A 527 9.35 4.22 5.97
C ALA A 527 10.61 4.82 6.56
N LEU A 528 10.50 5.41 7.76
CA LEU A 528 11.65 6.04 8.42
C LEU A 528 12.80 5.08 8.62
N HIS A 529 12.51 3.81 8.91
CA HIS A 529 13.56 2.84 9.22
C HIS A 529 14.47 2.53 8.03
N ASP A 530 14.19 3.10 6.86
CA ASP A 530 15.09 2.94 5.71
C ASP A 530 16.41 3.64 5.99
N THR A 531 17.50 2.90 5.78
CA THR A 531 18.84 3.46 5.99
C THR A 531 19.07 4.65 5.08
N HIS A 532 18.73 4.51 3.80
CA HIS A 532 19.08 5.50 2.79
C HIS A 532 18.09 6.64 2.70
N PHE A 533 16.79 6.36 2.81
CA PHE A 533 15.78 7.36 2.57
C PHE A 533 15.14 7.90 3.84
N GLY A 534 15.72 7.60 5.00
CA GLY A 534 15.11 7.98 6.27
C GLY A 534 14.93 9.48 6.43
N SER A 535 15.92 10.27 6.00
N SER A 535 15.91 10.27 5.99
CA SER A 535 15.85 11.71 6.14
CA SER A 535 15.83 11.72 6.15
C SER A 535 14.72 12.31 5.30
C SER A 535 14.71 12.32 5.30
N ARG A 536 14.61 11.86 4.04
CA ARG A 536 13.54 12.33 3.18
C ARG A 536 12.17 12.05 3.80
N TYR A 537 11.97 10.83 4.29
CA TYR A 537 10.71 10.50 4.92
C TYR A 537 10.51 11.29 6.21
N GLU A 538 11.58 11.57 6.95
CA GLU A 538 11.43 12.40 8.15
C GLU A 538 10.91 13.78 7.80
N HIS A 539 11.41 14.36 6.70
CA HIS A 539 10.89 15.66 6.28
C HIS A 539 9.44 15.56 5.82
N VAL A 540 9.08 14.48 5.13
CA VAL A 540 7.71 14.33 4.65
C VAL A 540 6.75 14.17 5.82
N LEU A 541 7.13 13.32 6.79
CA LEU A 541 6.32 13.12 7.99
C LEU A 541 6.18 14.39 8.79
N GLY A 542 7.27 15.16 8.92
CA GLY A 542 7.19 16.45 9.59
C GLY A 542 6.21 17.39 8.91
N ALA A 543 6.25 17.44 7.58
CA ALA A 543 5.29 18.27 6.85
C ALA A 543 3.86 17.78 7.11
N LEU A 544 3.64 16.46 7.11
CA LEU A 544 2.31 15.92 7.35
C LEU A 544 1.80 16.30 8.73
N LEU A 545 2.61 16.02 9.76
CA LEU A 545 2.21 16.34 11.13
C LEU A 545 2.00 17.83 11.31
N SER A 546 2.81 18.65 10.65
CA SER A 546 2.66 20.09 10.80
C SER A 546 1.34 20.55 10.20
N VAL A 547 1.03 20.10 8.99
CA VAL A 547 -0.15 20.59 8.29
C VAL A 547 -1.42 19.91 8.74
N GLY A 548 -1.31 18.78 9.47
CA GLY A 548 -2.49 18.09 9.93
C GLY A 548 -3.27 18.83 11.00
N GLY A 549 -2.58 19.64 11.80
CA GLY A 549 -3.21 20.43 12.84
C GLY A 549 -2.98 19.82 14.23
N LYS A 550 -3.29 20.64 15.24
CA LYS A 550 -3.04 20.28 16.64
C LYS A 550 -3.89 19.06 17.07
N GLY A 551 -5.19 19.07 16.77
CA GLY A 551 -6.04 17.96 17.15
C GLY A 551 -5.62 16.61 16.60
N LEU A 552 -5.41 16.56 15.27
CA LEU A 552 -4.90 15.35 14.64
C LEU A 552 -3.61 14.90 15.30
N ARG A 553 -2.71 15.84 15.57
CA ARG A 553 -1.43 15.51 16.15
C ARG A 553 -1.59 14.90 17.53
N GLU A 554 -2.48 15.43 18.36
CA GLU A 554 -2.47 14.95 19.73
C GLU A 554 -3.08 13.55 19.77
N GLU A 555 -4.09 13.33 18.92
CA GLU A 555 -4.66 11.99 18.78
C GLU A 555 -3.62 11.01 18.28
N LEU A 556 -2.83 11.40 17.27
CA LEU A 556 -1.78 10.52 16.79
C LEU A 556 -0.77 10.21 17.89
N SER A 557 -0.45 11.20 18.73
CA SER A 557 0.46 10.94 19.84
C SER A 557 -0.11 9.97 20.84
N LYS A 558 -1.41 10.08 21.17
CA LYS A 558 -2.04 9.10 22.03
C LYS A 558 -1.95 7.71 21.42
N GLN A 559 -2.21 7.59 20.12
CA GLN A 559 -2.15 6.28 19.47
C GLN A 559 -0.72 5.73 19.49
N MET A 560 0.26 6.59 19.23
CA MET A 560 1.65 6.17 19.31
C MET A 560 1.99 5.68 20.72
N LYS A 561 1.55 6.39 21.76
CA LYS A 561 1.85 5.96 23.11
C LYS A 561 1.16 4.64 23.43
N LEU A 562 -0.08 4.48 22.98
CA LEU A 562 -0.82 3.24 23.22
C LEU A 562 -0.09 2.05 22.60
N VAL A 563 0.32 2.19 21.35
CA VAL A 563 1.03 1.09 20.71
C VAL A 563 2.36 0.81 21.41
N GLN A 564 3.10 1.85 21.80
CA GLN A 564 4.36 1.61 22.49
C GLN A 564 4.15 0.84 23.79
N LEU A 565 3.10 1.20 24.53
CA LEU A 565 2.78 0.47 25.76
C LEU A 565 2.43 -0.98 25.46
N LEU A 566 1.56 -1.19 24.48
CA LEU A 566 1.16 -2.56 24.12
C LEU A 566 2.37 -3.39 23.73
N GLY A 567 3.29 -2.81 22.96
CA GLY A 567 4.49 -3.53 22.57
C GLY A 567 5.34 -3.90 23.75
N GLY A 568 5.50 -2.98 24.70
CA GLY A 568 6.19 -3.32 25.93
C GLY A 568 5.57 -4.51 26.63
N VAL A 569 4.23 -4.51 26.72
CA VAL A 569 3.53 -5.64 27.34
C VAL A 569 3.80 -6.93 26.59
N ALA A 570 3.82 -6.86 25.25
CA ALA A 570 4.08 -8.04 24.44
C ALA A 570 5.46 -8.61 24.72
N GLU A 571 6.48 -7.76 24.66
CA GLU A 571 7.84 -8.17 25.00
C GLU A 571 7.86 -8.88 26.35
N LYS A 572 7.29 -8.23 27.38
CA LYS A 572 7.31 -8.82 28.72
C LYS A 572 6.62 -10.18 28.76
N VAL A 573 5.54 -10.34 28.00
CA VAL A 573 4.80 -11.59 28.02
C VAL A 573 5.63 -12.71 27.44
N ARG A 574 6.32 -12.45 26.32
CA ARG A 574 7.18 -13.49 25.78
C ARG A 574 8.39 -13.76 26.70
N GLN A 575 8.93 -12.72 27.33
CA GLN A 575 10.11 -12.89 28.18
C GLN A 575 9.83 -13.71 29.44
N ALA A 576 8.59 -13.81 29.87
CA ALA A 576 8.21 -14.62 31.01
C ALA A 576 7.72 -15.99 30.53
N SER A 577 7.73 -16.95 31.44
CA SER A 577 7.55 -18.35 31.07
C SER A 577 6.50 -19.01 31.95
N GLY A 578 5.57 -19.71 31.30
CA GLY A 578 4.66 -20.58 32.02
C GLY A 578 3.75 -19.81 32.96
N SER A 579 3.72 -20.26 34.22
CA SER A 579 2.91 -19.63 35.26
C SER A 579 3.04 -18.11 35.21
N THR A 580 4.27 -17.62 35.39
CA THR A 580 4.54 -16.19 35.38
C THR A 580 3.82 -15.48 34.24
N ARG A 581 3.85 -16.06 33.04
CA ARG A 581 3.36 -15.37 31.85
C ARG A 581 1.92 -14.90 32.03
N GLN A 582 1.11 -15.62 32.83
CA GLN A 582 -0.27 -15.16 32.90
C GLN A 582 -0.46 -14.04 33.91
N VAL A 583 0.41 -13.96 34.92
CA VAL A 583 0.23 -12.93 35.99
C VAL A 583 0.98 -11.66 35.58
N VAL A 584 2.06 -11.82 34.80
CA VAL A 584 2.81 -10.63 34.30
C VAL A 584 1.89 -9.82 33.40
N LEU A 585 1.02 -10.49 32.63
CA LEU A 585 0.15 -9.78 31.66
C LEU A 585 -0.74 -8.81 32.42
N GLN A 586 -1.32 -9.23 33.54
CA GLN A 586 -2.26 -8.36 34.29
C GLN A 586 -1.48 -7.17 34.86
N LYS A 587 -0.25 -7.41 35.32
CA LYS A 587 0.55 -6.35 35.90
C LYS A 587 1.07 -5.40 34.83
N SER A 588 1.57 -5.94 33.72
CA SER A 588 1.99 -5.07 32.63
C SER A 588 0.82 -4.21 32.17
N MET A 589 -0.37 -4.81 32.07
CA MET A 589 -1.51 -4.08 31.56
C MET A 589 -1.88 -2.91 32.46
N GLU A 590 -1.49 -2.93 33.75
CA GLU A 590 -1.88 -1.82 34.62
C GLU A 590 -1.28 -0.52 34.12
N ARG A 591 -0.10 -0.58 33.48
CA ARG A 591 0.44 0.60 32.81
C ARG A 591 -0.57 1.14 31.80
N VAL A 592 -1.01 0.29 30.88
CA VAL A 592 -2.00 0.69 29.90
C VAL A 592 -3.23 1.30 30.58
N GLN A 593 -3.64 0.74 31.73
CA GLN A 593 -4.93 1.16 32.22
C GLN A 593 -4.80 2.56 32.80
N SER A 594 -3.63 2.83 33.40
CA SER A 594 -3.26 4.19 33.76
C SER A 594 -3.38 5.12 32.56
N PHE A 595 -2.80 4.71 31.43
CA PHE A 595 -2.93 5.48 30.20
C PHE A 595 -4.39 5.80 29.92
N PHE A 596 -5.26 4.78 29.99
CA PHE A 596 -6.66 5.02 29.70
C PHE A 596 -7.31 5.89 30.78
N LEU A 597 -6.83 5.81 32.02
CA LEU A 597 -7.32 6.69 33.07
C LEU A 597 -7.13 8.15 32.69
N ARG A 598 -6.07 8.49 31.95
CA ARG A 598 -5.84 9.89 31.62
C ARG A 598 -6.20 10.24 30.18
N ASN A 599 -6.48 9.23 29.35
CA ASN A 599 -6.67 9.46 27.92
C ASN A 599 -7.76 8.55 27.36
N LYS A 600 -8.61 9.11 26.52
CA LYS A 600 -9.34 8.31 25.56
C LYS A 600 -8.54 8.29 24.25
N CYS A 601 -8.45 7.12 23.66
CA CYS A 601 -7.55 6.96 22.53
C CYS A 601 -8.25 6.22 21.41
N ARG A 602 -8.01 6.66 20.18
CA ARG A 602 -8.61 6.01 19.02
C ARG A 602 -7.82 4.77 18.65
N LEU A 603 -8.53 3.77 18.16
CA LEU A 603 -7.91 2.50 17.78
C LEU A 603 -7.05 2.68 16.54
N PRO A 604 -5.76 2.39 16.59
CA PRO A 604 -4.92 2.63 15.40
C PRO A 604 -5.34 1.82 14.18
N LEU A 605 -5.87 0.61 14.36
CA LEU A 605 -6.30 -0.20 13.21
C LEU A 605 -7.51 0.41 12.52
N LYS A 606 -8.40 1.02 13.28
CA LYS A 606 -9.61 1.64 12.74
C LYS A 606 -9.89 2.85 13.62
N PRO A 607 -9.34 4.01 13.28
CA PRO A 607 -9.43 5.18 14.17
C PRO A 607 -10.84 5.70 14.39
N SER A 608 -11.85 5.05 13.82
CA SER A 608 -13.23 5.43 14.13
C SER A 608 -13.71 4.86 15.46
N LEU A 609 -13.00 3.87 15.99
CA LEU A 609 -13.30 3.28 17.29
C LEU A 609 -12.52 4.01 18.39
N VAL A 610 -13.23 4.42 19.43
CA VAL A 610 -12.62 5.13 20.56
C VAL A 610 -12.66 4.20 21.77
N ALA A 611 -11.50 3.97 22.37
CA ALA A 611 -11.39 3.16 23.58
C ALA A 611 -11.32 4.10 24.77
N LYS A 612 -12.24 3.94 25.72
CA LYS A 612 -12.14 4.74 26.95
C LYS A 612 -11.29 4.07 28.02
N GLU A 613 -11.18 2.75 27.97
CA GLU A 613 -10.79 1.92 29.10
C GLU A 613 -10.50 0.52 28.62
N LEU A 614 -9.58 -0.13 29.32
CA LEU A 614 -9.13 -1.47 28.98
C LEU A 614 -10.06 -2.45 29.70
N ASN A 615 -10.41 -3.55 29.03
CA ASN A 615 -11.14 -4.64 29.70
C ASN A 615 -10.13 -5.73 30.09
N ILE A 616 -9.43 -5.49 31.21
CA ILE A 616 -8.40 -6.41 31.70
C ILE A 616 -8.84 -7.87 31.68
N LYS A 617 -10.01 -8.17 32.24
CA LYS A 617 -10.32 -9.58 32.45
C LYS A 617 -10.47 -10.33 31.14
N SER A 618 -10.88 -9.66 30.07
CA SER A 618 -10.97 -10.31 28.75
C SER A 618 -9.66 -10.28 27.97
N CYS A 619 -8.60 -9.66 28.52
CA CYS A 619 -7.31 -9.63 27.85
C CYS A 619 -6.52 -10.90 28.16
N SER A 620 -6.03 -11.55 27.11
CA SER A 620 -5.27 -12.82 27.27
C SER A 620 -4.16 -12.88 26.23
N PHE A 621 -3.55 -14.06 26.06
CA PHE A 621 -2.51 -14.22 25.02
C PHE A 621 -2.81 -15.48 24.20
N PHE A 622 -2.68 -15.40 22.87
CA PHE A 622 -2.83 -16.62 22.05
C PHE A 622 -1.56 -17.46 22.23
N SER A 623 -1.66 -18.79 22.16
CA SER A 623 -0.45 -19.64 22.27
C SER A 623 0.09 -19.95 20.87
N SER A 624 1.25 -19.40 20.53
CA SER A 624 1.83 -19.58 19.17
C SER A 624 3.33 -19.29 19.23
N ASN A 625 4.04 -19.42 18.09
CA ASN A 625 5.52 -19.23 18.11
C ASN A 625 5.81 -17.85 18.66
N ALA A 626 5.07 -16.84 18.21
CA ALA A 626 5.20 -15.50 18.82
C ALA A 626 3.90 -15.35 19.59
N MET A 627 3.96 -15.13 20.91
CA MET A 627 2.68 -15.12 21.66
C MET A 627 2.01 -13.77 21.48
N PRO A 628 0.88 -13.70 20.73
CA PRO A 628 0.21 -12.45 20.46
C PRO A 628 -0.67 -12.07 21.66
N LEU A 629 -1.02 -10.79 21.75
CA LEU A 629 -1.83 -10.32 22.90
C LEU A 629 -3.28 -10.13 22.44
N LYS A 630 -4.24 -10.79 23.09
CA LYS A 630 -5.67 -10.53 22.77
C LYS A 630 -6.07 -9.31 23.61
N VAL A 631 -6.20 -8.15 22.98
CA VAL A 631 -6.47 -6.91 23.70
C VAL A 631 -7.94 -6.57 23.50
N THR A 632 -8.69 -6.55 24.60
CA THR A 632 -10.10 -6.17 24.59
C THR A 632 -10.24 -4.84 25.32
N MET A 633 -10.87 -3.87 24.66
CA MET A 633 -11.13 -2.56 25.23
C MET A 633 -12.63 -2.25 25.14
N VAL A 634 -13.10 -1.38 26.04
CA VAL A 634 -14.51 -1.02 26.05
C VAL A 634 -14.69 0.22 25.20
N ASN A 635 -15.77 0.23 24.42
CA ASN A 635 -16.06 1.35 23.54
C ASN A 635 -16.35 2.60 24.34
N ALA A 636 -15.91 3.75 23.83
CA ALA A 636 -16.32 5.00 24.47
C ALA A 636 -17.78 5.31 24.19
N ASP A 637 -18.34 4.73 23.13
CA ASP A 637 -19.73 4.91 22.75
C ASP A 637 -20.56 3.78 23.32
N PRO A 638 -21.55 4.06 24.16
CA PRO A 638 -22.44 2.98 24.64
C PRO A 638 -23.24 2.33 23.53
N LEU A 639 -23.40 2.99 22.38
CA LEU A 639 -24.09 2.42 21.23
C LEU A 639 -23.21 1.48 20.42
N GLY A 640 -21.95 1.30 20.82
CA GLY A 640 -21.01 0.45 20.11
C GLY A 640 -20.75 -0.86 20.81
N GLU A 641 -20.01 -1.71 20.11
CA GLU A 641 -19.55 -2.99 20.65
C GLU A 641 -18.15 -2.83 21.23
N GLU A 642 -17.73 -3.84 21.97
CA GLU A 642 -16.39 -3.79 22.54
C GLU A 642 -15.36 -4.11 21.46
N ILE A 643 -14.16 -3.56 21.66
CA ILE A 643 -13.11 -3.54 20.66
C ILE A 643 -12.16 -4.68 20.94
N ASN A 644 -11.84 -5.47 19.92
CA ASN A 644 -10.98 -6.64 20.06
C ASN A 644 -9.92 -6.60 18.98
N VAL A 645 -8.64 -6.51 19.39
CA VAL A 645 -7.54 -6.53 18.43
C VAL A 645 -6.48 -7.49 18.94
N MET A 646 -5.65 -7.93 18.02
CA MET A 646 -4.49 -8.71 18.39
C MET A 646 -3.28 -7.81 18.25
N PHE A 647 -2.37 -7.87 19.21
CA PHE A 647 -1.11 -7.16 19.09
C PHE A 647 0.04 -8.17 19.07
N LYS A 648 0.82 -8.15 18.00
CA LYS A 648 1.88 -9.11 17.78
C LYS A 648 3.21 -8.36 17.72
N VAL A 649 4.22 -8.89 18.41
CA VAL A 649 5.60 -8.41 18.23
C VAL A 649 6.48 -9.58 17.83
N GLY A 650 7.54 -9.27 17.09
CA GLY A 650 8.51 -10.27 16.69
C GLY A 650 8.39 -10.78 15.27
N GLU A 651 7.46 -10.24 14.49
CA GLU A 651 7.27 -10.62 13.09
C GLU A 651 7.11 -9.36 12.25
N ASP A 652 7.67 -9.37 11.05
CA ASP A 652 7.52 -8.23 10.17
C ASP A 652 6.14 -8.29 9.54
N LEU A 653 5.25 -7.40 9.96
CA LEU A 653 3.88 -7.47 9.50
C LEU A 653 3.70 -6.89 8.11
N ARG A 654 4.75 -6.30 7.51
CA ARG A 654 4.56 -5.60 6.24
C ARG A 654 4.31 -6.58 5.10
N GLN A 655 4.88 -7.79 5.19
CA GLN A 655 4.57 -8.82 4.22
C GLN A 655 3.10 -9.22 4.30
N ASP A 656 2.64 -9.54 5.51
CA ASP A 656 1.23 -9.84 5.73
C ASP A 656 0.34 -8.74 5.17
N MET A 657 0.71 -7.48 5.43
CA MET A 657 -0.09 -6.38 4.93
C MET A 657 -0.16 -6.36 3.41
N LEU A 658 0.96 -6.68 2.75
CA LEU A 658 0.94 -6.67 1.29
C LEU A 658 0.03 -7.76 0.77
N ALA A 659 0.14 -8.98 1.33
CA ALA A 659 -0.76 -10.06 0.94
C ALA A 659 -2.23 -9.66 1.14
N LEU A 660 -2.55 -9.09 2.31
CA LEU A 660 -3.92 -8.66 2.57
C LEU A 660 -4.37 -7.60 1.55
N GLN A 661 -3.47 -6.68 1.19
CA GLN A 661 -3.83 -5.61 0.26
C GLN A 661 -4.11 -6.19 -1.12
N MET A 662 -3.29 -7.15 -1.55
CA MET A 662 -3.50 -7.78 -2.84
C MET A 662 -4.84 -8.51 -2.87
N ILE A 663 -5.15 -9.25 -1.80
CA ILE A 663 -6.43 -9.95 -1.71
C ILE A 663 -7.58 -8.95 -1.78
N LYS A 664 -7.46 -7.83 -1.05
CA LYS A 664 -8.51 -6.82 -1.04
C LYS A 664 -8.71 -6.23 -2.43
N ILE A 665 -7.61 -6.00 -3.15
CA ILE A 665 -7.72 -5.40 -4.48
C ILE A 665 -8.37 -6.36 -5.46
N MET A 666 -8.03 -7.67 -5.36
CA MET A 666 -8.79 -8.66 -6.11
C MET A 666 -10.27 -8.62 -5.78
N ASP A 667 -10.60 -8.51 -4.49
CA ASP A 667 -11.99 -8.43 -4.10
C ASP A 667 -12.67 -7.22 -4.74
N LYS A 668 -11.98 -6.08 -4.75
CA LYS A 668 -12.54 -4.89 -5.39
C LYS A 668 -12.75 -5.11 -6.88
N ILE A 669 -11.77 -5.70 -7.55
CA ILE A 669 -11.89 -5.95 -8.98
C ILE A 669 -13.10 -6.83 -9.25
N TRP A 670 -13.26 -7.89 -8.46
CA TRP A 670 -14.40 -8.79 -8.63
C TRP A 670 -15.72 -8.07 -8.41
N LEU A 671 -15.79 -7.23 -7.36
CA LEU A 671 -17.03 -6.50 -7.12
C LEU A 671 -17.34 -5.51 -8.22
N LYS A 672 -16.31 -4.95 -8.86
CA LYS A 672 -16.50 -3.99 -9.94
C LYS A 672 -17.21 -4.63 -11.14
N GLU A 673 -16.93 -5.89 -11.43
CA GLU A 673 -17.62 -6.62 -12.49
C GLU A 673 -18.86 -7.35 -11.99
N GLY A 674 -19.23 -7.16 -10.72
CA GLY A 674 -20.42 -7.74 -10.16
C GLY A 674 -20.25 -9.11 -9.53
N LEU A 675 -19.02 -9.60 -9.40
CA LEU A 675 -18.78 -10.92 -8.84
C LEU A 675 -18.44 -10.80 -7.37
N ASP A 676 -19.28 -11.36 -6.50
CA ASP A 676 -19.09 -11.24 -5.05
C ASP A 676 -18.77 -12.62 -4.49
N LEU A 677 -17.50 -12.84 -4.20
CA LEU A 677 -17.02 -14.11 -3.67
C LEU A 677 -17.01 -14.14 -2.15
N ARG A 678 -17.66 -13.16 -1.51
CA ARG A 678 -17.89 -13.17 -0.06
C ARG A 678 -16.57 -13.35 0.71
N MET A 679 -15.59 -12.50 0.36
CA MET A 679 -14.26 -12.58 0.94
C MET A 679 -14.21 -11.89 2.31
N VAL A 680 -13.46 -12.49 3.25
CA VAL A 680 -13.16 -11.87 4.54
C VAL A 680 -11.99 -10.92 4.36
N ILE A 681 -12.22 -9.63 4.56
CA ILE A 681 -11.21 -8.61 4.32
C ILE A 681 -10.81 -8.03 5.67
N PHE A 682 -9.74 -8.52 6.27
CA PHE A 682 -9.38 -8.01 7.59
C PHE A 682 -8.09 -7.21 7.56
N ARG A 683 -8.06 -6.24 8.49
CA ARG A 683 -6.97 -5.31 8.75
C ARG A 683 -5.75 -5.80 9.51
N CYS A 684 -4.62 -5.21 9.13
CA CYS A 684 -3.32 -5.41 9.77
C CYS A 684 -2.51 -4.12 9.62
N LEU A 685 -1.94 -3.64 10.73
CA LEU A 685 -1.15 -2.42 10.74
C LEU A 685 0.20 -2.67 11.37
N SER A 686 1.26 -2.31 10.64
CA SER A 686 2.62 -2.35 11.18
C SER A 686 2.82 -1.04 11.91
N THR A 687 2.73 -1.11 13.24
CA THR A 687 2.78 0.11 14.04
C THR A 687 4.21 0.57 14.24
N GLY A 688 5.10 -0.36 14.55
CA GLY A 688 6.51 -0.10 14.60
C GLY A 688 7.24 -1.24 13.92
N ARG A 689 8.54 -1.25 14.12
CA ARG A 689 9.37 -2.25 13.46
C ARG A 689 9.11 -3.64 14.05
N ASP A 690 8.64 -4.54 13.19
CA ASP A 690 8.40 -5.94 13.57
C ASP A 690 7.35 -6.07 14.68
N ARG A 691 6.29 -5.26 14.60
CA ARG A 691 5.20 -5.32 15.57
C ARG A 691 4.00 -4.58 15.01
N GLY A 692 2.82 -4.92 15.52
CA GLY A 692 1.64 -4.19 15.13
C GLY A 692 0.35 -4.80 15.66
N MET A 693 -0.76 -4.20 15.21
CA MET A 693 -2.12 -4.64 15.44
C MET A 693 -2.71 -5.34 14.23
N VAL A 694 -3.38 -6.46 14.50
CA VAL A 694 -4.11 -7.22 13.50
C VAL A 694 -5.57 -7.30 13.94
N GLU A 695 -6.48 -7.22 12.98
CA GLU A 695 -7.89 -7.43 13.25
C GLU A 695 -8.16 -8.88 13.66
N LEU A 696 -9.08 -9.06 14.60
CA LEU A 696 -9.57 -10.37 15.01
C LEU A 696 -10.91 -10.63 14.33
N VAL A 697 -11.02 -11.80 13.68
CA VAL A 697 -12.25 -12.22 13.03
C VAL A 697 -13.04 -13.05 14.05
N PRO A 698 -14.25 -12.63 14.43
CA PRO A 698 -14.94 -13.34 15.51
C PRO A 698 -15.48 -14.67 15.05
N ALA A 699 -15.52 -15.62 15.98
CA ALA A 699 -16.13 -16.94 15.79
C ALA A 699 -15.56 -17.63 14.56
N SER A 700 -14.27 -17.90 14.62
CA SER A 700 -13.57 -18.57 13.54
C SER A 700 -12.42 -19.38 14.11
N ASP A 701 -12.11 -20.49 13.46
CA ASP A 701 -11.02 -21.37 13.90
C ASP A 701 -10.20 -21.83 12.72
N THR A 702 -8.99 -22.26 13.02
CA THR A 702 -8.17 -22.94 12.04
C THR A 702 -8.75 -24.32 11.74
N LEU A 703 -8.38 -24.85 10.57
CA LEU A 703 -8.84 -26.17 10.16
C LEU A 703 -8.28 -27.27 11.06
N ARG A 704 -6.99 -27.18 11.42
CA ARG A 704 -6.40 -28.00 12.47
C ARG A 704 -7.36 -28.21 13.64
N LYS A 705 -7.83 -27.10 14.22
CA LYS A 705 -8.63 -27.21 15.43
C LYS A 705 -9.95 -27.94 15.15
N ILE A 706 -10.58 -27.58 14.04
CA ILE A 706 -11.88 -28.22 13.66
C ILE A 706 -11.64 -29.72 13.51
N GLN A 707 -10.60 -30.10 12.77
CA GLN A 707 -10.35 -31.54 12.50
C GLN A 707 -10.06 -32.29 13.81
N VAL A 708 -9.21 -31.73 14.68
CA VAL A 708 -8.84 -32.44 15.93
C VAL A 708 -10.06 -32.55 16.85
N GLU A 709 -10.88 -31.50 16.93
CA GLU A 709 -12.09 -31.53 17.78
C GLU A 709 -13.02 -32.62 17.25
N TYR A 710 -13.14 -32.69 15.92
CA TYR A 710 -13.96 -33.76 15.29
C TYR A 710 -13.35 -35.13 15.57
N GLY A 711 -12.02 -35.21 15.60
CA GLY A 711 -11.35 -36.52 15.76
C GLY A 711 -11.80 -37.20 17.04
N VAL A 712 -12.02 -36.42 18.10
CA VAL A 712 -12.57 -37.00 19.36
C VAL A 712 -13.73 -37.94 18.98
N THR A 713 -14.52 -37.58 17.96
CA THR A 713 -15.59 -38.49 17.52
C THR A 713 -15.13 -39.38 16.37
N GLY A 714 -14.46 -38.79 15.38
CA GLY A 714 -13.83 -39.56 14.31
C GLY A 714 -14.77 -40.38 13.45
N SER A 715 -15.97 -39.88 13.19
CA SER A 715 -16.96 -40.68 12.47
C SER A 715 -16.60 -40.86 10.99
N PHE A 716 -16.03 -39.82 10.36
CA PHE A 716 -15.73 -39.78 8.93
C PHE A 716 -14.70 -38.69 8.66
N LYS A 717 -13.77 -38.93 7.74
CA LYS A 717 -12.86 -37.86 7.31
C LYS A 717 -13.57 -36.71 6.61
N ASP A 718 -14.75 -36.96 6.05
CA ASP A 718 -15.43 -35.98 5.23
C ASP A 718 -16.41 -35.11 6.01
N LYS A 719 -16.65 -35.43 7.28
CA LYS A 719 -17.65 -34.66 8.07
C LYS A 719 -17.07 -33.57 9.00
N PRO A 720 -15.75 -33.38 9.25
CA PRO A 720 -15.30 -32.38 10.24
C PRO A 720 -15.72 -30.94 9.95
N LEU A 721 -15.51 -30.46 8.73
CA LEU A 721 -15.97 -29.09 8.38
C LEU A 721 -17.50 -29.07 8.39
N ALA A 722 -18.13 -30.12 7.87
CA ALA A 722 -19.61 -30.13 7.78
C ALA A 722 -20.21 -30.03 9.18
N GLU A 723 -19.76 -30.88 10.10
CA GLU A 723 -20.35 -30.89 11.46
C GLU A 723 -20.10 -29.56 12.16
N TRP A 724 -18.91 -28.99 11.98
CA TRP A 724 -18.61 -27.67 12.59
C TRP A 724 -19.62 -26.63 12.09
N LEU A 725 -19.76 -26.51 10.77
CA LEU A 725 -20.74 -25.57 10.22
C LEU A 725 -22.17 -25.90 10.66
N ARG A 726 -22.49 -27.19 10.80
CA ARG A 726 -23.82 -27.58 11.22
C ARG A 726 -24.07 -27.20 12.67
N LYS A 727 -23.06 -27.35 13.53
CA LYS A 727 -23.16 -26.94 14.92
C LYS A 727 -23.44 -25.45 15.01
N TYR A 728 -22.78 -24.65 14.18
CA TYR A 728 -23.08 -23.22 14.22
C TYR A 728 -24.19 -22.79 13.27
N ASN A 729 -24.65 -23.69 12.40
CA ASN A 729 -25.78 -23.40 11.49
C ASN A 729 -26.70 -24.61 11.49
N PRO A 730 -27.54 -24.83 12.55
CA PRO A 730 -28.34 -26.06 12.65
C PRO A 730 -29.40 -26.29 11.57
N SER A 731 -30.11 -25.23 11.18
CA SER A 731 -31.12 -25.36 10.09
CA SER A 731 -31.12 -25.36 10.09
C SER A 731 -30.64 -25.79 8.66
N GLU A 732 -31.54 -26.52 8.01
CA GLU A 732 -31.16 -26.98 6.65
C GLU A 732 -30.90 -25.75 5.77
N GLU A 733 -31.74 -24.71 5.91
CA GLU A 733 -31.49 -23.46 5.15
C GLU A 733 -30.16 -22.86 5.61
N GLU A 734 -29.90 -22.87 6.92
CA GLU A 734 -28.69 -22.23 7.49
C GLU A 734 -27.42 -22.93 7.02
N TYR A 735 -27.42 -24.27 7.01
CA TYR A 735 -26.25 -25.03 6.54
C TYR A 735 -26.02 -24.73 5.05
N GLU A 736 -27.11 -24.68 4.30
CA GLU A 736 -27.00 -24.38 2.85
C GLU A 736 -26.44 -22.97 2.68
N LYS A 737 -26.89 -22.03 3.50
CA LYS A 737 -26.37 -20.64 3.45
C LYS A 737 -24.88 -20.67 3.78
N ALA A 738 -24.50 -21.39 4.84
CA ALA A 738 -23.10 -21.40 5.25
C ALA A 738 -22.24 -22.15 4.24
N SER A 739 -22.77 -23.22 3.65
CA SER A 739 -22.00 -23.94 2.66
C SER A 739 -21.86 -23.14 1.36
N GLU A 740 -22.87 -22.34 1.01
CA GLU A 740 -22.72 -21.43 -0.13
C GLU A 740 -21.65 -20.39 0.14
N ASN A 741 -21.65 -19.82 1.36
CA ASN A 741 -20.59 -18.90 1.75
C ASN A 741 -19.22 -19.58 1.59
N PHE A 742 -19.13 -20.84 2.00
CA PHE A 742 -17.88 -21.57 1.83
C PHE A 742 -17.52 -21.71 0.35
N ILE A 743 -18.48 -22.04 -0.51
CA ILE A 743 -18.18 -22.22 -1.93
C ILE A 743 -17.56 -20.95 -2.51
N TYR A 744 -18.24 -19.82 -2.30
CA TYR A 744 -17.75 -18.57 -2.87
C TYR A 744 -16.39 -18.18 -2.29
N SER A 745 -16.26 -18.22 -0.95
CA SER A 745 -15.02 -17.77 -0.33
C SER A 745 -13.86 -18.70 -0.70
N CYS A 746 -14.13 -20.00 -0.78
CA CYS A 746 -13.10 -20.93 -1.19
C CYS A 746 -12.63 -20.64 -2.59
N ALA A 747 -13.56 -20.32 -3.51
CA ALA A 747 -13.16 -19.99 -4.87
C ALA A 747 -12.22 -18.78 -4.87
N GLY A 748 -12.60 -17.73 -4.13
CA GLY A 748 -11.74 -16.57 -4.03
C GLY A 748 -10.37 -16.92 -3.49
N CYS A 749 -10.32 -17.73 -2.43
CA CYS A 749 -9.04 -18.06 -1.81
C CYS A 749 -8.17 -18.89 -2.74
N CYS A 750 -8.78 -19.78 -3.53
CA CYS A 750 -8.01 -20.60 -4.45
C CYS A 750 -7.36 -19.74 -5.52
N VAL A 751 -8.14 -18.84 -6.11
CA VAL A 751 -7.58 -17.93 -7.10
C VAL A 751 -6.46 -17.10 -6.48
N ALA A 752 -6.69 -16.55 -5.29
CA ALA A 752 -5.69 -15.68 -4.67
C ALA A 752 -4.43 -16.46 -4.31
N THR A 753 -4.59 -17.69 -3.83
CA THR A 753 -3.44 -18.53 -3.53
C THR A 753 -2.59 -18.74 -4.77
N TYR A 754 -3.21 -19.15 -5.89
CA TYR A 754 -2.39 -19.45 -7.06
C TYR A 754 -1.74 -18.18 -7.63
N VAL A 755 -2.51 -17.09 -7.70
CA VAL A 755 -2.01 -15.89 -8.35
C VAL A 755 -0.91 -15.23 -7.51
N LEU A 756 -1.05 -15.19 -6.19
CA LEU A 756 0.01 -14.55 -5.41
C LEU A 756 1.12 -15.51 -5.06
N GLY A 757 1.05 -16.76 -5.51
CA GLY A 757 2.04 -17.74 -5.09
C GLY A 757 2.04 -18.01 -3.60
N ILE A 758 0.88 -17.86 -2.97
CA ILE A 758 0.78 -18.21 -1.52
C ILE A 758 0.98 -19.71 -1.42
N CYS A 759 1.91 -20.15 -0.58
CA CYS A 759 2.26 -21.60 -0.48
C CYS A 759 2.27 -21.98 1.00
N ASP A 760 2.49 -23.27 1.30
CA ASP A 760 2.47 -23.74 2.70
C ASP A 760 1.11 -23.40 3.30
N ARG A 761 0.04 -23.70 2.56
CA ARG A 761 -1.32 -23.49 3.13
C ARG A 761 -1.65 -24.68 4.00
N HIS A 762 -1.00 -24.77 5.17
CA HIS A 762 -1.32 -25.86 6.12
C HIS A 762 -2.60 -25.54 6.87
N ASN A 763 -3.12 -26.48 7.65
CA ASN A 763 -4.43 -26.29 8.31
C ASN A 763 -4.40 -25.06 9.23
N ASP A 764 -3.28 -24.78 9.91
CA ASP A 764 -3.20 -23.55 10.74
C ASP A 764 -3.43 -22.31 9.88
N ASN A 765 -2.73 -22.18 8.76
CA ASN A 765 -2.89 -21.05 7.84
C ASN A 765 -4.32 -20.83 7.36
N ILE A 766 -5.12 -21.89 7.21
CA ILE A 766 -6.51 -21.76 6.74
C ILE A 766 -7.39 -21.52 7.95
N MET A 767 -8.21 -20.47 7.90
CA MET A 767 -9.21 -20.28 8.94
C MET A 767 -10.60 -20.22 8.33
N LEU A 768 -11.55 -20.73 9.10
CA LEU A 768 -12.94 -20.75 8.70
C LEU A 768 -13.78 -20.09 9.77
N ARG A 769 -14.62 -19.15 9.34
CA ARG A 769 -15.59 -18.43 10.14
C ARG A 769 -16.86 -19.27 10.34
N SER A 770 -17.54 -19.05 11.48
CA SER A 770 -18.76 -19.81 11.78
C SER A 770 -19.85 -19.60 10.75
N THR A 771 -19.88 -18.41 10.14
CA THR A 771 -20.81 -18.14 9.06
C THR A 771 -20.50 -18.98 7.80
N GLY A 772 -19.31 -19.57 7.72
CA GLY A 772 -18.94 -20.40 6.58
C GLY A 772 -17.86 -19.83 5.68
N HIS A 773 -17.36 -18.62 5.93
CA HIS A 773 -16.39 -18.02 5.04
C HIS A 773 -14.99 -18.53 5.35
N MET A 774 -14.25 -18.81 4.29
CA MET A 774 -12.86 -19.24 4.39
C MET A 774 -11.93 -18.06 4.12
N PHE A 775 -10.85 -17.98 4.90
CA PHE A 775 -9.83 -16.93 4.71
C PHE A 775 -8.46 -17.47 5.14
N HIS A 776 -7.42 -16.67 4.86
CA HIS A 776 -6.03 -16.99 5.18
C HIS A 776 -5.52 -16.02 6.23
N ILE A 777 -4.59 -16.46 7.09
CA ILE A 777 -4.08 -15.60 8.15
C ILE A 777 -2.57 -15.43 8.09
N ASP A 778 -1.82 -16.51 7.88
CA ASP A 778 -0.37 -16.39 7.87
C ASP A 778 0.12 -16.46 6.43
N PHE A 779 0.91 -15.49 6.03
CA PHE A 779 1.37 -15.35 4.66
C PHE A 779 2.89 -15.44 4.57
N GLY A 780 3.48 -16.38 5.30
CA GLY A 780 4.94 -16.46 5.32
C GLY A 780 5.53 -16.80 3.97
N LYS A 781 4.90 -17.72 3.24
CA LYS A 781 5.30 -18.07 1.88
C LYS A 781 4.49 -17.20 0.94
N PHE A 782 5.12 -16.16 0.40
CA PHE A 782 4.45 -15.18 -0.44
C PHE A 782 5.31 -14.97 -1.67
N LEU A 783 4.69 -15.11 -2.85
CA LEU A 783 5.39 -15.15 -4.14
C LEU A 783 6.41 -16.30 -4.20
N GLY A 784 6.09 -17.42 -3.53
CA GLY A 784 7.01 -18.54 -3.50
C GLY A 784 6.98 -19.38 -4.76
N HIS A 785 8.00 -20.23 -4.97
CA HIS A 785 8.00 -21.04 -6.19
C HIS A 785 7.83 -22.49 -5.74
N ALA A 786 7.25 -23.31 -6.61
CA ALA A 786 7.02 -24.72 -6.27
C ALA A 786 8.33 -25.48 -6.01
N ALA A 797 1.11 -29.03 -5.22
CA ALA A 797 -0.20 -28.60 -5.74
C ALA A 797 -0.40 -27.10 -5.55
N PRO A 798 -0.95 -26.43 -6.58
CA PRO A 798 -1.12 -24.96 -6.48
C PRO A 798 -1.93 -24.55 -5.28
N PHE A 799 -3.12 -25.12 -5.13
CA PHE A 799 -3.89 -25.09 -3.89
C PHE A 799 -4.31 -26.53 -3.61
N VAL A 800 -4.87 -26.79 -2.43
CA VAL A 800 -5.24 -28.15 -2.05
C VAL A 800 -6.71 -28.16 -1.67
N LEU A 801 -7.47 -29.10 -2.26
CA LEU A 801 -8.87 -29.30 -1.94
C LEU A 801 -9.04 -30.69 -1.31
N THR A 802 -9.25 -30.72 0.00
CA THR A 802 -9.41 -31.96 0.74
C THR A 802 -10.85 -32.47 0.65
N SER A 803 -11.05 -33.71 1.11
CA SER A 803 -12.33 -34.38 0.90
C SER A 803 -13.47 -33.70 1.63
N ASP A 804 -13.22 -33.16 2.83
CA ASP A 804 -14.31 -32.53 3.55
C ASP A 804 -14.65 -31.16 2.97
N MET A 805 -13.67 -30.47 2.38
CA MET A 805 -14.02 -29.25 1.67
C MET A 805 -14.87 -29.56 0.44
N ALA A 806 -14.53 -30.61 -0.30
CA ALA A 806 -15.38 -31.06 -1.39
C ALA A 806 -16.74 -31.49 -0.88
N TYR A 807 -16.81 -32.03 0.34
CA TYR A 807 -18.09 -32.42 0.92
C TYR A 807 -18.96 -31.20 1.18
N VAL A 808 -18.38 -30.14 1.75
CA VAL A 808 -19.14 -28.92 1.98
C VAL A 808 -19.61 -28.33 0.65
N ILE A 809 -18.73 -28.31 -0.36
CA ILE A 809 -19.09 -27.71 -1.64
C ILE A 809 -20.21 -28.51 -2.32
N ASN A 810 -20.04 -29.82 -2.38
CA ASN A 810 -21.05 -30.68 -3.07
C ASN A 810 -22.32 -30.75 -2.22
N GLY A 811 -22.19 -30.74 -0.90
CA GLY A 811 -23.36 -30.94 -0.03
C GLY A 811 -23.60 -32.43 0.12
N GLY A 812 -22.72 -33.24 -0.46
CA GLY A 812 -22.84 -34.69 -0.41
C GLY A 812 -21.52 -35.35 -0.77
N GLU A 813 -21.40 -36.66 -0.56
CA GLU A 813 -20.17 -37.38 -0.97
C GLU A 813 -20.04 -37.33 -2.50
N LYS A 814 -21.16 -37.49 -3.21
CA LYS A 814 -21.14 -37.50 -4.70
C LYS A 814 -21.15 -36.07 -5.24
N PRO A 815 -20.54 -35.81 -6.43
CA PRO A 815 -20.51 -34.47 -7.01
C PRO A 815 -21.88 -33.90 -7.40
N THR A 816 -22.07 -32.59 -7.21
CA THR A 816 -23.36 -31.93 -7.55
C THR A 816 -23.07 -30.71 -8.41
N ILE A 817 -24.12 -30.03 -8.91
CA ILE A 817 -23.90 -28.82 -9.69
C ILE A 817 -23.33 -27.70 -8.85
N ARG A 818 -23.34 -27.83 -7.51
CA ARG A 818 -22.67 -26.85 -6.68
C ARG A 818 -21.17 -26.86 -6.91
N PHE A 819 -20.60 -28.02 -7.24
CA PHE A 819 -19.19 -28.04 -7.59
C PHE A 819 -18.96 -27.36 -8.94
N GLN A 820 -19.90 -27.53 -9.87
CA GLN A 820 -19.78 -26.82 -11.14
C GLN A 820 -19.86 -25.31 -10.91
N LEU A 821 -20.75 -24.87 -10.02
CA LEU A 821 -20.79 -23.47 -9.63
C LEU A 821 -19.44 -23.02 -9.08
N PHE A 822 -18.84 -23.85 -8.22
CA PHE A 822 -17.54 -23.54 -7.64
C PHE A 822 -16.47 -23.35 -8.73
N VAL A 823 -16.45 -24.26 -9.70
CA VAL A 823 -15.48 -24.19 -10.80
C VAL A 823 -15.72 -22.95 -11.66
N ASP A 824 -16.99 -22.68 -11.99
CA ASP A 824 -17.37 -21.49 -12.75
C ASP A 824 -16.89 -20.23 -12.04
N LEU A 825 -17.08 -20.17 -10.72
CA LEU A 825 -16.68 -18.99 -9.94
C LEU A 825 -15.17 -18.81 -9.95
N CYS A 826 -14.41 -19.90 -9.70
CA CYS A 826 -12.96 -19.83 -9.79
C CYS A 826 -12.50 -19.27 -11.15
N CYS A 827 -13.02 -19.84 -12.25
CA CYS A 827 -12.52 -19.45 -13.57
C CYS A 827 -12.93 -18.02 -13.93
N GLN A 828 -14.17 -17.66 -13.61
CA GLN A 828 -14.61 -16.29 -13.82
C GLN A 828 -13.70 -15.30 -13.07
N ALA A 829 -13.48 -15.53 -11.77
CA ALA A 829 -12.68 -14.62 -10.96
C ALA A 829 -11.24 -14.57 -11.47
N TYR A 830 -10.69 -15.73 -11.83
CA TYR A 830 -9.35 -15.81 -12.40
C TYR A 830 -9.23 -14.92 -13.63
N ASN A 831 -10.17 -15.01 -14.57
CA ASN A 831 -10.09 -14.17 -15.77
C ASN A 831 -10.25 -12.69 -15.42
N LEU A 832 -11.08 -12.39 -14.42
CA LEU A 832 -11.23 -11.00 -14.02
C LEU A 832 -9.89 -10.44 -13.54
N ILE A 833 -9.10 -11.27 -12.87
CA ILE A 833 -7.79 -10.80 -12.33
C ILE A 833 -6.79 -10.68 -13.48
N ARG A 834 -6.89 -11.56 -14.47
CA ARG A 834 -5.98 -11.52 -15.65
C ARG A 834 -6.18 -10.20 -16.40
N LYS A 835 -7.41 -9.70 -16.46
CA LYS A 835 -7.71 -8.43 -17.18
C LYS A 835 -6.96 -7.27 -16.50
N GLN A 836 -6.64 -7.41 -15.22
CA GLN A 836 -5.96 -6.34 -14.46
C GLN A 836 -4.52 -6.75 -14.15
N THR A 837 -3.88 -7.52 -15.04
CA THR A 837 -2.50 -8.01 -14.82
C THR A 837 -1.56 -6.81 -14.67
N ASN A 838 -1.74 -5.77 -15.48
CA ASN A 838 -0.83 -4.59 -15.43
C ASN A 838 -0.93 -3.94 -14.05
N LEU A 839 -2.15 -3.80 -13.53
CA LEU A 839 -2.34 -3.16 -12.21
C LEU A 839 -1.57 -3.96 -11.17
N PHE A 840 -1.72 -5.28 -11.18
CA PHE A 840 -1.09 -6.06 -10.12
C PHE A 840 0.42 -6.01 -10.22
N LEU A 841 0.96 -6.15 -11.44
CA LEU A 841 2.40 -6.07 -11.63
C LEU A 841 2.94 -4.72 -11.15
N ASN A 842 2.25 -3.64 -11.51
CA ASN A 842 2.66 -2.31 -11.03
C ASN A 842 2.67 -2.23 -9.51
N LEU A 843 1.62 -2.72 -8.84
CA LEU A 843 1.55 -2.64 -7.38
C LEU A 843 2.69 -3.39 -6.73
N LEU A 844 3.00 -4.57 -7.24
CA LEU A 844 4.10 -5.33 -6.63
C LEU A 844 5.46 -4.70 -6.95
N SER A 845 5.64 -4.23 -8.19
CA SER A 845 6.84 -3.49 -8.55
C SER A 845 7.07 -2.32 -7.61
N LEU A 846 6.04 -1.51 -7.39
CA LEU A 846 6.20 -0.34 -6.53
C LEU A 846 6.52 -0.76 -5.10
N MET A 847 6.09 -1.95 -4.67
CA MET A 847 6.54 -2.36 -3.34
C MET A 847 7.97 -2.93 -3.32
N ILE A 848 8.56 -3.23 -4.48
CA ILE A 848 9.95 -3.75 -4.51
C ILE A 848 10.92 -2.97 -3.58
N PRO A 849 11.02 -1.64 -3.66
CA PRO A 849 12.01 -0.93 -2.81
C PRO A 849 11.74 -0.99 -1.31
N SER A 850 10.61 -1.53 -0.87
CA SER A 850 10.33 -1.50 0.56
C SER A 850 11.16 -2.54 1.32
N GLY A 851 11.67 -3.55 0.64
CA GLY A 851 12.62 -4.46 1.25
C GLY A 851 12.05 -5.67 1.96
N LEU A 852 11.00 -6.33 1.34
CA LEU A 852 10.51 -7.60 1.85
C LEU A 852 11.28 -8.75 1.22
N PRO A 853 11.53 -9.82 1.99
CA PRO A 853 12.53 -10.83 1.56
C PRO A 853 12.24 -11.48 0.22
N GLU A 854 10.99 -11.57 -0.19
CA GLU A 854 10.59 -12.31 -1.37
C GLU A 854 10.29 -11.41 -2.57
N LEU A 855 10.43 -10.09 -2.42
CA LEU A 855 10.10 -9.14 -3.48
C LEU A 855 11.28 -8.18 -3.65
N THR A 856 12.36 -8.68 -4.24
CA THR A 856 13.59 -7.92 -4.41
C THR A 856 13.89 -7.58 -5.86
N SER A 857 13.20 -8.20 -6.82
CA SER A 857 13.57 -8.04 -8.22
C SER A 857 12.34 -8.25 -9.10
N ILE A 858 12.53 -7.91 -10.37
CA ILE A 858 11.51 -8.08 -11.40
C ILE A 858 11.18 -9.56 -11.67
N GLN A 859 12.12 -10.50 -11.46
CA GLN A 859 11.76 -11.90 -11.67
C GLN A 859 10.67 -12.35 -10.69
N ASP A 860 10.69 -11.78 -9.48
CA ASP A 860 9.60 -12.05 -8.55
C ASP A 860 8.27 -11.62 -9.13
N LEU A 861 8.27 -10.57 -9.97
CA LEU A 861 7.04 -10.19 -10.67
C LEU A 861 6.74 -11.14 -11.82
N LYS A 862 7.79 -11.64 -12.48
CA LYS A 862 7.61 -12.56 -13.61
C LYS A 862 6.90 -13.84 -13.17
N TYR A 863 7.15 -14.29 -11.93
CA TYR A 863 6.36 -15.41 -11.41
C TYR A 863 4.85 -15.11 -11.48
N VAL A 864 4.43 -13.97 -10.95
CA VAL A 864 3.02 -13.62 -10.93
C VAL A 864 2.48 -13.46 -12.34
N ARG A 865 3.28 -12.84 -13.21
CA ARG A 865 2.87 -12.68 -14.59
C ARG A 865 2.61 -14.03 -15.25
N ASP A 866 3.53 -14.98 -15.05
CA ASP A 866 3.36 -16.31 -15.62
C ASP A 866 2.17 -17.01 -15.01
N ALA A 867 1.91 -16.77 -13.71
CA ALA A 867 0.73 -17.35 -13.09
C ALA A 867 -0.54 -16.78 -13.67
N LEU A 868 -0.49 -15.57 -14.23
CA LEU A 868 -1.67 -14.92 -14.80
C LEU A 868 -1.88 -15.24 -16.27
N GLN A 869 -0.87 -15.82 -16.95
CA GLN A 869 -0.95 -16.25 -18.35
C GLN A 869 -1.64 -15.24 -19.25
N PRO A 870 -1.00 -14.09 -19.51
CA PRO A 870 -1.68 -13.04 -20.29
C PRO A 870 -1.91 -13.41 -21.75
N GLN A 871 -1.04 -14.21 -22.36
CA GLN A 871 -1.18 -14.50 -23.78
C GLN A 871 -2.43 -15.33 -24.08
N THR A 872 -2.78 -16.25 -23.19
CA THR A 872 -3.90 -17.15 -23.44
C THR A 872 -5.21 -16.39 -23.45
N THR A 873 -6.19 -16.93 -24.18
CA THR A 873 -7.53 -16.36 -24.15
C THR A 873 -8.29 -16.90 -22.94
N ASP A 874 -9.41 -16.23 -22.61
CA ASP A 874 -10.19 -16.60 -21.43
C ASP A 874 -10.62 -18.06 -21.45
N ALA A 875 -10.90 -18.60 -22.65
CA ALA A 875 -11.33 -19.99 -22.76
C ALA A 875 -10.23 -20.96 -22.32
N GLU A 876 -9.04 -20.84 -22.91
CA GLU A 876 -7.96 -21.76 -22.54
C GLU A 876 -7.45 -21.50 -21.14
N ALA A 877 -7.58 -20.26 -20.65
CA ALA A 877 -7.26 -19.97 -19.25
C ALA A 877 -8.22 -20.68 -18.31
N THR A 878 -9.51 -20.71 -18.66
CA THR A 878 -10.46 -21.50 -17.89
C THR A 878 -10.07 -22.98 -17.89
N ILE A 879 -9.73 -23.53 -19.07
CA ILE A 879 -9.24 -24.91 -19.13
C ILE A 879 -8.09 -25.14 -18.15
N PHE A 880 -7.12 -24.21 -18.18
CA PHE A 880 -5.95 -24.32 -17.32
C PHE A 880 -6.32 -24.34 -15.85
N PHE A 881 -7.11 -23.35 -15.40
CA PHE A 881 -7.47 -23.29 -13.99
C PHE A 881 -8.31 -24.51 -13.58
N THR A 882 -9.08 -25.05 -14.52
CA THR A 882 -9.91 -26.20 -14.18
C THR A 882 -9.03 -27.42 -13.93
N ARG A 883 -7.97 -27.57 -14.74
CA ARG A 883 -6.99 -28.61 -14.51
C ARG A 883 -6.28 -28.41 -13.16
N LEU A 884 -6.03 -27.15 -12.79
CA LEU A 884 -5.48 -26.88 -11.46
C LEU A 884 -6.40 -27.41 -10.36
N ILE A 885 -7.71 -27.16 -10.49
CA ILE A 885 -8.65 -27.66 -9.50
C ILE A 885 -8.59 -29.18 -9.42
N GLU A 886 -8.45 -29.85 -10.56
CA GLU A 886 -8.38 -31.32 -10.53
C GLU A 886 -7.12 -31.79 -9.80
N SER A 887 -5.97 -31.17 -10.09
CA SER A 887 -4.75 -31.56 -9.39
C SER A 887 -4.89 -31.33 -7.89
N SER A 888 -5.54 -30.23 -7.53
CA SER A 888 -5.73 -29.93 -6.10
C SER A 888 -6.60 -30.98 -5.44
N LEU A 889 -7.60 -31.50 -6.16
CA LEU A 889 -8.39 -32.61 -5.61
C LEU A 889 -7.55 -33.85 -5.41
N GLY A 890 -6.68 -34.17 -6.37
CA GLY A 890 -5.71 -35.23 -6.18
C GLY A 890 -6.28 -36.64 -6.18
N SER A 891 -6.17 -37.35 -5.06
CA SER A 891 -6.63 -38.74 -5.02
C SER A 891 -8.14 -38.83 -5.20
N ILE A 892 -8.90 -37.92 -4.58
CA ILE A 892 -10.35 -37.91 -4.71
C ILE A 892 -10.82 -37.32 -6.02
N ALA A 893 -9.91 -36.85 -6.88
CA ALA A 893 -10.30 -36.34 -8.19
C ALA A 893 -10.82 -37.42 -9.12
N THR A 894 -10.68 -38.69 -8.74
CA THR A 894 -11.23 -39.77 -9.57
C THR A 894 -12.74 -39.63 -9.74
N LYS A 895 -13.42 -39.09 -8.72
CA LYS A 895 -14.88 -39.11 -8.66
C LYS A 895 -15.55 -38.02 -9.48
N PHE A 896 -14.79 -37.17 -10.16
CA PHE A 896 -15.33 -36.00 -10.85
C PHE A 896 -15.16 -36.11 -12.35
N ASN A 897 -16.11 -35.53 -13.08
CA ASN A 897 -16.05 -35.36 -14.53
C ASN A 897 -15.87 -33.86 -14.77
N PHE A 898 -14.62 -33.46 -15.00
CA PHE A 898 -14.18 -32.07 -15.24
C PHE A 898 -15.26 -31.09 -15.68
C10 IKC B . -6.20 -12.64 11.79
C13 IKC B . -5.62 -15.06 14.44
C17 IKC B . -5.49 -18.05 15.75
C20 IKC B . -4.01 -19.82 18.75
C21 IKC B . -2.74 -20.14 18.28
C22 IKC B . -2.37 -19.80 16.99
C28 IKC B . -13.80 -10.58 18.20
C02 IKC B . -11.17 -15.59 16.98
C03 IKC B . -10.37 -16.52 16.08
C05 IKC B . -7.66 -15.62 15.39
C07 IKC B . -7.63 -14.06 13.60
C09 IKC B . -7.59 -12.52 11.86
C12 IKC B . -6.27 -14.18 13.54
C16 IKC B . -5.63 -16.62 16.25
C18 IKC B . -4.52 -18.80 16.64
C19 IKC B . -4.89 -19.15 17.93
C23 IKC B . -3.26 -19.13 16.17
C25 IKC B . -11.48 -13.29 17.99
C27 IKC B . -12.91 -11.59 18.51
C29 IKC B . -15.01 -10.45 18.85
C30 IKC B . -15.89 -9.43 18.51
C31 IKC B . -15.55 -8.53 17.51
C32 IKC B . -14.34 -8.65 16.84
C34 IKC B . -13.46 -9.67 17.19
C35 IKC B . -12.56 -11.89 19.83
N06 IKC B . -8.32 -14.79 14.56
N08 IKC B . -8.28 -13.21 12.75
N11 IKC B . -5.57 -13.46 12.62
N15 IKC B . -6.33 -15.74 15.33
N24 IKC B . -10.74 -14.20 17.12
N26 IKC B . -12.33 -12.34 17.59
O01 IKC B . -12.10 -16.01 17.58
O14 IKC B . -4.44 -15.17 14.39
O33 IKC B . -13.99 -7.74 15.83
S04 IKC B . -8.63 -16.55 16.60
S36 IKC B . -11.43 -13.20 19.71
C1 EDO C . -12.14 -3.77 13.99
O1 EDO C . -11.18 -4.16 13.00
C2 EDO C . -11.90 -4.52 15.32
O2 EDO C . -10.97 -5.59 15.13
C1 EDO D . -8.50 -1.71 -7.50
O1 EDO D . -9.55 -1.65 -8.47
C2 EDO D . -7.96 -0.31 -7.19
O2 EDO D . -8.84 0.35 -6.29
C1 EDO E . 1.53 3.96 35.66
O1 EDO E . 2.70 4.05 34.84
C2 EDO E . 1.41 2.54 36.24
O2 EDO E . 0.36 2.51 37.22
C1 EDO F . 32.22 20.32 -14.59
O1 EDO F . 33.27 19.34 -14.59
C2 EDO F . 32.78 21.74 -14.56
O2 EDO F . 31.69 22.66 -14.65
C1 EDO G . -12.32 -12.28 -23.96
O1 EDO G . -13.72 -12.50 -24.14
C2 EDO G . -11.53 -13.33 -24.71
O2 EDO G . -10.13 -13.18 -24.40
#